data_2M9R
#
_entry.id   2M9R
#
loop_
_entity.id
_entity.type
_entity.pdbx_description
1 polymer 'Amyloid beta A4 protein'
2 non-polymer '(2S,3S)-3-(3,5-dihydroxyphenyl)-2-(4-hydroxyphenyl)-4-[(E)-2-(4-hydroxyphenyl)ethenyl]-2,3-dihydro-1-benzofuran-6-yl beta-D-glucopyranoside'
#
_entity_poly.entity_id   1
_entity_poly.type   'polypeptide(L)'
_entity_poly.pdbx_seq_one_letter_code
;DAEFRHDSGYEVHHQKLVFFAEDVGSNKGAIIGLMVGGVV
;
_entity_poly.pdbx_strand_id   A
#
loop_
_chem_comp.id
_chem_comp.type
_chem_comp.name
_chem_comp.formula
23Y non-polymer '(2S,3S)-3-(3,5-dihydroxyphenyl)-2-(4-hydroxyphenyl)-4-[(E)-2-(4-hydroxyphenyl)ethenyl]-2,3-dihydro-1-benzofuran-6-yl beta-D-glucopyranoside' 'C34 H32 O11'
#
# COMPACT_ATOMS: atom_id res chain seq x y z
N ASP A 1 0.17 23.67 23.64
CA ASP A 1 -0.76 22.51 23.63
C ASP A 1 -1.38 22.35 22.21
N ALA A 2 -1.11 21.22 21.54
CA ALA A 2 -1.66 20.94 20.18
C ALA A 2 -3.06 20.27 20.24
N GLU A 3 -4.02 20.82 19.47
CA GLU A 3 -5.39 20.28 19.35
C GLU A 3 -5.46 19.28 18.14
N PHE A 4 -5.70 17.99 18.42
CA PHE A 4 -5.80 16.94 17.38
C PHE A 4 -7.28 16.81 16.90
N ARG A 5 -7.53 17.03 15.59
CA ARG A 5 -8.89 16.91 14.98
C ARG A 5 -8.83 16.06 13.66
N HIS A 6 -9.85 15.21 13.45
CA HIS A 6 -9.97 14.36 12.24
C HIS A 6 -11.32 14.69 11.52
N ASP A 7 -11.25 15.23 10.30
CA ASP A 7 -12.45 15.64 9.51
C ASP A 7 -12.37 15.14 8.03
N SER A 8 -11.30 15.45 7.27
CA SER A 8 -11.12 15.01 5.86
C SER A 8 -9.74 14.29 5.66
N GLY A 9 -9.75 13.09 5.07
CA GLY A 9 -8.51 12.34 4.78
C GLY A 9 -8.76 11.13 3.87
N TYR A 10 -9.15 10.00 4.47
CA TYR A 10 -9.49 8.76 3.72
C TYR A 10 -10.86 8.23 4.26
N GLU A 11 -11.89 8.20 3.40
CA GLU A 11 -13.22 7.64 3.74
C GLU A 11 -13.64 6.58 2.67
N VAL A 12 -13.24 5.31 2.91
CA VAL A 12 -13.57 4.15 2.03
C VAL A 12 -14.01 2.97 2.95
N HIS A 13 -15.31 2.61 2.92
CA HIS A 13 -15.86 1.51 3.76
C HIS A 13 -15.72 0.11 3.06
N HIS A 14 -16.38 -0.11 1.90
CA HIS A 14 -16.23 -1.36 1.12
C HIS A 14 -15.10 -1.20 0.05
N GLN A 15 -14.06 -2.04 0.13
CA GLN A 15 -12.95 -2.07 -0.87
C GLN A 15 -13.30 -3.06 -2.02
N LYS A 16 -13.29 -2.61 -3.30
CA LYS A 16 -13.49 -3.50 -4.48
C LYS A 16 -12.15 -4.19 -4.94
N LEU A 17 -11.59 -5.03 -4.05
CA LEU A 17 -10.31 -5.78 -4.21
C LEU A 17 -10.16 -6.75 -2.99
N VAL A 18 -9.42 -7.88 -3.12
CA VAL A 18 -9.11 -8.78 -1.96
C VAL A 18 -8.10 -8.08 -0.97
N PHE A 19 -8.65 -7.40 0.03
CA PHE A 19 -7.88 -6.56 0.98
C PHE A 19 -7.36 -7.45 2.16
N PHE A 20 -6.15 -8.00 2.00
CA PHE A 20 -5.48 -8.79 3.06
C PHE A 20 -4.58 -7.84 3.88
N ALA A 21 -4.97 -7.53 5.13
CA ALA A 21 -4.12 -6.74 6.06
C ALA A 21 -3.03 -7.62 6.79
N GLU A 22 -2.08 -8.12 5.98
CA GLU A 22 -0.95 -8.98 6.44
C GLU A 22 0.22 -8.90 5.40
N ASP A 23 1.47 -8.98 5.89
CA ASP A 23 2.68 -8.94 5.01
C ASP A 23 2.88 -10.31 4.29
N VAL A 24 2.51 -10.37 3.00
CA VAL A 24 2.56 -11.63 2.20
C VAL A 24 3.99 -11.85 1.57
N GLY A 25 4.58 -13.02 1.84
CA GLY A 25 5.97 -13.31 1.42
C GLY A 25 6.41 -14.71 1.89
N SER A 26 6.61 -15.62 0.94
CA SER A 26 7.04 -17.01 1.25
C SER A 26 8.58 -17.15 1.47
N ASN A 27 8.97 -17.85 2.54
CA ASN A 27 10.40 -18.14 2.84
C ASN A 27 10.93 -19.35 2.00
N LYS A 28 11.46 -19.07 0.80
CA LYS A 28 12.01 -20.13 -0.11
C LYS A 28 13.47 -20.58 0.26
N GLY A 29 14.43 -19.65 0.40
CA GLY A 29 15.83 -20.00 0.75
C GLY A 29 16.72 -20.29 -0.48
N ALA A 30 16.69 -21.56 -0.93
CA ALA A 30 17.40 -21.99 -2.16
C ALA A 30 16.63 -21.68 -3.47
N ILE A 31 17.32 -21.11 -4.48
CA ILE A 31 16.74 -20.83 -5.83
C ILE A 31 17.63 -21.47 -6.95
N ILE A 32 17.00 -21.99 -8.03
CA ILE A 32 17.71 -22.64 -9.17
C ILE A 32 18.36 -21.59 -10.15
N GLY A 33 19.58 -21.91 -10.61
CA GLY A 33 20.35 -21.02 -11.52
C GLY A 33 21.77 -21.56 -11.76
N LEU A 34 21.90 -22.54 -12.67
CA LEU A 34 23.22 -23.16 -13.01
C LEU A 34 23.88 -22.36 -14.18
N MET A 35 24.99 -21.67 -13.89
CA MET A 35 25.77 -20.91 -14.93
C MET A 35 27.28 -21.26 -14.76
N VAL A 36 27.79 -22.17 -15.62
CA VAL A 36 29.22 -22.60 -15.61
C VAL A 36 29.73 -22.56 -17.08
N GLY A 37 30.36 -21.44 -17.48
CA GLY A 37 30.88 -21.27 -18.87
C GLY A 37 32.35 -21.68 -19.02
N GLY A 38 33.27 -20.74 -18.79
CA GLY A 38 34.72 -21.02 -18.78
C GLY A 38 35.32 -21.11 -17.36
N VAL A 39 35.83 -19.98 -16.84
CA VAL A 39 36.29 -19.89 -15.43
C VAL A 39 35.11 -19.39 -14.52
N VAL A 40 34.64 -20.24 -13.58
CA VAL A 40 33.57 -19.87 -12.61
C VAL A 40 34.20 -19.35 -11.29
CG1 23Y B . -7.53 2.86 -2.31
CG9 23Y B . -8.48 2.74 -3.34
CG8 23Y B . -8.66 3.79 -4.24
OG2 23Y B . -7.25 1.92 -1.36
CG3 23Y B . -6.07 2.40 -0.64
CG5 23Y B . -6.79 4.07 -2.18
CG6 23Y B . -7.02 5.17 -3.07
CG7 23Y B . -7.96 4.99 -4.09
CG4 23Y B . -5.90 3.93 -0.93
CB1 23Y B . -7.30 2.04 1.59
CB2 23Y B . -7.30 1.71 2.94
CB3 23Y B . -6.11 1.39 3.59
OB3 23Y B . -6.11 1.06 4.92
CB4 23Y B . -4.91 1.40 2.88
CB5 23Y B . -4.90 1.71 1.53
CB6 23Y B . -6.10 2.04 0.87
CC1 23Y B . -3.59 4.11 -2.11
CC2 23Y B . -2.27 4.55 -2.14
OC2 23Y B . -1.47 4.29 -3.22
CC3 23Y B . -1.75 5.25 -1.05
CC4 23Y B . -2.55 5.51 0.06
OC4 23Y B . -2.03 6.19 1.12
CC5 23Y B . -3.87 5.08 0.09
CC6 23Y B . -4.41 4.38 -1.00
CD1 23Y B . -6.27 6.51 -2.88
CD2 23Y B . -6.36 7.63 -3.62
CE1 23Y B . -4.04 10.41 -2.29
CE2 23Y B . -4.32 11.44 -3.19
OE2 23Y B . -3.68 12.64 -3.06
CE3 23Y B . -5.24 11.23 -4.20
CE4 23Y B . -5.90 10.01 -4.33
CE5 23Y B . -5.62 8.96 -3.43
CE6 23Y B . -4.68 9.18 -2.41
CF5 23Y B . -7.92 3.76 -8.53
OF 23Y B . -8.33 4.10 -7.17
CF1 23Y B . -9.30 3.20 -6.54
OF1 23Y B . -9.65 3.70 -5.22
CF2 23Y B . -10.58 3.12 -7.41
OF2 23Y B . -11.48 2.12 -6.91
CF3 23Y B . -10.26 2.80 -8.89
OF3 23Y B . -11.45 2.95 -9.66
CF4 23Y B . -9.17 3.74 -9.47
OF4 23Y B . -8.79 3.28 -10.77
CF6 23Y B . -6.84 4.77 -8.97
OF6 23Y B . -7.30 6.11 -8.81
HCG9 23Y B . -9.07 1.84 -3.43
HCG3 23Y B . -5.22 1.85 -1.10
HCG7 23Y B . -8.18 5.77 -4.79
HCG4 23Y B . -6.43 4.50 -0.13
HCB1 23Y B . -8.22 2.28 1.10
HCB2 23Y B . -8.23 1.70 3.48
HOB3 23Y B . -7.01 1.11 5.25
HCB4 23Y B . -3.99 1.13 3.39
HCB5 23Y B . -3.96 1.71 1.00
HCC1 23Y B . -3.99 3.57 -2.95
HOC2 23Y B . -1.98 3.80 -3.87
HCC3 23Y B . -0.72 5.59 -1.08
HOC4 23Y B . -1.12 6.42 0.94
HCC5 23Y B . -4.46 5.28 0.96
HCD1 23Y B . -5.59 6.55 -2.04
HCD2 23Y B . -7.05 7.61 -4.46
HCE1 23Y B . -3.32 10.57 -1.49
HOE2 23Y B . -3.99 13.23 -3.75
HCE3 23Y B . -5.47 12.03 -4.91
HCE4 23Y B . -6.61 9.88 -5.12
HCE6 23Y B . -4.42 8.41 -1.71
HCF5 23Y B . -7.46 2.75 -8.53
HCF1 23Y B . -8.85 2.18 -6.44
HCF2 23Y B . -11.08 4.10 -7.36
HOF2 23Y B . -11.02 1.28 -6.97
HCF3 23Y B . -9.92 1.76 -8.97
HOF3 23Y B . -12.13 2.45 -9.19
HCF4 23Y B . -9.57 4.77 -9.54
HOF4 23Y B . -8.55 2.37 -10.68
HF61 23Y B . -5.93 4.62 -8.36
HF62 23Y B . -6.54 4.60 -10.02
HCF6 23Y B . -7.66 6.16 -7.92
CG1 23Y C . 19.03 -11.22 -0.37
CG9 23Y C . 19.11 -10.04 -1.15
CG8 23Y C . 18.08 -9.70 -2.03
OG2 23Y C . 19.94 -11.67 0.53
CG3 23Y C . 19.33 -12.80 1.23
CG5 23Y C . 17.89 -12.07 -0.51
CG6 23Y C . 16.84 -11.75 -1.46
CG7 23Y C . 16.99 -10.55 -2.17
CG4 23Y C . 18.11 -13.29 0.39
CB1 23Y C . 20.20 -14.62 2.78
CB2 23Y C . 21.10 -15.64 3.11
CB3 23Y C . 22.15 -15.94 2.24
OB3 23Y C . 23.04 -16.93 2.57
CB4 23Y C . 22.30 -15.24 1.05
CB5 23Y C . 21.40 -14.24 0.72
CB6 23Y C . 20.34 -13.91 1.58
CC1 23Y C . 16.69 -15.17 1.34
CC2 23Y C . 15.63 -15.67 2.11
OC2 23Y C . 15.42 -17.02 2.19
CC3 23Y C . 14.80 -14.79 2.80
CC4 23Y C . 15.02 -13.42 2.72
OC4 23Y C . 14.20 -12.56 3.39
CC5 23Y C . 16.07 -12.92 1.97
CC6 23Y C . 16.92 -13.79 1.26
CD1 23Y C . 15.66 -12.69 -1.69
CD2 23Y C . 14.60 -12.53 -2.49
CE1 23Y C . 12.12 -15.47 -2.24
CE2 23Y C . 11.16 -15.08 -3.18
OE2 23Y C . 10.07 -15.87 -3.40
CE3 23Y C . 11.31 -13.89 -3.87
CE4 23Y C . 12.42 -13.07 -3.64
CE5 23Y C . 13.40 -13.46 -2.71
CE6 23Y C . 13.24 -14.67 -2.01
CF5 23Y C . 18.12 -5.94 -1.01
OF 23Y C . 19.16 -6.83 -1.53
CF1 23Y C . 18.99 -7.49 -2.83
OF1 23Y C . 18.00 -8.56 -2.80
CF2 23Y C . 18.55 -6.47 -3.91
OF2 23Y C . 19.64 -5.60 -4.19
CF3 23Y C . 17.33 -5.62 -3.47
OF3 23Y C . 16.16 -6.43 -3.43
CF4 23Y C . 17.56 -4.96 -2.09
OF4 23Y C . 18.49 -3.89 -2.26
CF6 23Y C . 17.04 -6.72 -0.23
OF6 23Y C . 17.65 -7.52 0.78
HCG9 23Y C . 19.97 -9.40 -1.03
HCG3 23Y C . 18.96 -12.37 2.18
HCG7 23Y C . 16.22 -10.25 -2.87
HCG4 23Y C . 18.43 -14.09 -0.29
HCB1 23Y C . 19.40 -14.40 3.46
HCB2 23Y C . 21.00 -16.18 4.03
HOB3 23Y C . 23.69 -17.01 1.87
HCB4 23Y C . 23.11 -15.47 0.37
HCB5 23Y C . 21.52 -13.70 -0.22
HCC1 23Y C . 17.32 -15.88 0.83
HOC2 23Y C . 14.71 -17.18 2.82
HCC3 23Y C . 13.98 -15.17 3.39
HOC4 23Y C . 13.53 -13.05 3.86
HCC5 23Y C . 16.22 -11.86 1.91
HCD1 23Y C . 15.67 -13.61 -1.10
HCD2 23Y C . 14.56 -11.61 -3.09
HCE1 23Y C . 12.00 -16.38 -1.69
HOE2 23Y C . 10.02 -16.52 -2.70
HCE3 23Y C . 10.55 -13.58 -4.59
HCE4 23Y C . 12.50 -12.15 -4.19
HCE6 23Y C . 13.96 -14.98 -1.28
HCF5 23Y C . 18.61 -5.30 -0.24
HCF1 23Y C . 19.96 -7.91 -3.13
HCF2 23Y C . 18.31 -7.02 -4.85
HOF2 23Y C . 19.75 -5.08 -3.37
HCF3 23Y C . 17.16 -4.82 -4.22
HOF3 23Y C . 16.10 -6.86 -4.27
HCF4 23Y C . 16.60 -4.54 -1.73
HOF4 23Y C . 18.06 -3.26 -2.85
HF61 23Y C . 16.46 -7.37 -0.91
HF62 23Y C . 16.31 -6.03 0.24
HCF6 23Y C . 18.33 -8.04 0.34
N ASP A 1 -16.10 27.85 9.58
CA ASP A 1 -16.65 26.78 10.45
C ASP A 1 -16.32 25.34 9.96
N ALA A 2 -16.69 24.94 8.72
CA ALA A 2 -16.36 23.59 8.17
C ALA A 2 -14.94 23.52 7.55
N GLU A 3 -14.17 22.50 7.95
CA GLU A 3 -12.80 22.26 7.43
C GLU A 3 -12.69 20.75 7.03
N PHE A 4 -12.53 20.48 5.73
CA PHE A 4 -12.44 19.09 5.19
C PHE A 4 -11.22 19.03 4.21
N ARG A 5 -10.19 18.24 4.54
CA ARG A 5 -9.01 18.05 3.67
C ARG A 5 -9.23 16.84 2.70
N HIS A 6 -9.03 17.06 1.39
CA HIS A 6 -9.23 16.02 0.35
C HIS A 6 -8.21 14.82 0.32
N ASP A 7 -6.90 15.08 0.53
CA ASP A 7 -5.85 14.02 0.52
C ASP A 7 -5.74 13.21 1.87
N SER A 8 -5.67 13.88 3.04
CA SER A 8 -5.57 13.20 4.36
C SER A 8 -6.82 12.43 4.87
N GLY A 9 -8.06 12.87 4.55
CA GLY A 9 -9.30 12.14 4.94
C GLY A 9 -9.68 11.00 3.98
N TYR A 10 -9.12 9.81 4.23
CA TYR A 10 -9.40 8.60 3.41
C TYR A 10 -10.66 7.84 3.95
N GLU A 11 -11.83 8.19 3.42
CA GLU A 11 -13.12 7.56 3.81
C GLU A 11 -13.50 6.52 2.71
N VAL A 12 -13.08 5.26 2.90
CA VAL A 12 -13.32 4.15 1.94
C VAL A 12 -13.88 2.92 2.74
N HIS A 13 -15.22 2.79 2.80
CA HIS A 13 -15.89 1.71 3.59
C HIS A 13 -15.92 0.32 2.88
N HIS A 14 -16.39 0.24 1.61
CA HIS A 14 -16.35 -1.01 0.81
C HIS A 14 -14.98 -1.13 0.05
N GLN A 15 -14.21 -2.18 0.36
CA GLN A 15 -12.91 -2.44 -0.30
C GLN A 15 -13.11 -3.32 -1.58
N LYS A 16 -13.34 -2.67 -2.74
CA LYS A 16 -13.50 -3.37 -4.04
C LYS A 16 -12.13 -3.36 -4.81
N LEU A 17 -11.21 -4.22 -4.35
CA LEU A 17 -9.82 -4.38 -4.88
C LEU A 17 -9.19 -5.61 -4.16
N VAL A 18 -8.40 -6.43 -4.89
CA VAL A 18 -7.75 -7.64 -4.29
C VAL A 18 -6.49 -7.23 -3.45
N PHE A 19 -6.70 -6.97 -2.14
CA PHE A 19 -5.63 -6.49 -1.23
C PHE A 19 -4.70 -7.65 -0.77
N PHE A 20 -3.38 -7.40 -0.76
CA PHE A 20 -2.38 -8.38 -0.25
C PHE A 20 -2.17 -8.16 1.28
N ALA A 21 -2.51 -9.17 2.11
CA ALA A 21 -2.26 -9.11 3.58
C ALA A 21 -0.80 -9.49 4.00
N GLU A 22 0.16 -8.70 3.50
CA GLU A 22 1.62 -8.85 3.76
C GLU A 22 2.24 -7.43 3.96
N ASP A 23 3.31 -7.32 4.78
CA ASP A 23 4.02 -6.02 4.99
C ASP A 23 4.88 -5.63 3.74
N VAL A 24 4.24 -4.93 2.79
CA VAL A 24 4.85 -4.53 1.50
C VAL A 24 5.42 -3.08 1.64
N GLY A 25 6.76 -2.95 1.59
CA GLY A 25 7.44 -1.64 1.79
C GLY A 25 7.59 -0.81 0.50
N SER A 26 8.62 -1.12 -0.29
CA SER A 26 8.85 -0.47 -1.61
C SER A 26 8.08 -1.19 -2.77
N ASN A 27 7.41 -0.42 -3.65
CA ASN A 27 6.70 -0.99 -4.83
C ASN A 27 7.70 -1.35 -5.99
N LYS A 28 8.02 -2.64 -6.13
CA LYS A 28 8.93 -3.15 -7.20
C LYS A 28 8.34 -4.42 -7.88
N GLY A 29 8.49 -4.51 -9.22
CA GLY A 29 7.99 -5.65 -10.02
C GLY A 29 8.91 -5.98 -11.21
N ALA A 30 10.04 -6.64 -10.92
CA ALA A 30 11.02 -7.04 -11.96
C ALA A 30 10.66 -8.41 -12.61
N ILE A 31 10.68 -8.45 -13.96
CA ILE A 31 10.43 -9.70 -14.75
C ILE A 31 11.61 -9.77 -15.77
N ILE A 32 12.67 -10.53 -15.46
CA ILE A 32 13.89 -10.68 -16.34
C ILE A 32 14.43 -12.14 -16.43
N GLY A 33 14.45 -12.92 -15.33
CA GLY A 33 15.04 -14.29 -15.30
C GLY A 33 15.83 -14.55 -14.01
N LEU A 34 15.12 -14.87 -12.92
CA LEU A 34 15.73 -15.19 -11.59
C LEU A 34 15.13 -16.55 -11.12
N MET A 35 15.97 -17.61 -11.04
CA MET A 35 15.54 -18.94 -10.54
C MET A 35 15.66 -19.02 -8.98
N VAL A 36 14.55 -19.31 -8.29
CA VAL A 36 14.56 -19.47 -6.80
C VAL A 36 14.86 -20.95 -6.41
N GLY A 37 16.14 -21.24 -6.14
CA GLY A 37 16.60 -22.63 -5.87
C GLY A 37 18.09 -22.68 -5.47
N GLY A 38 18.37 -22.53 -4.17
CA GLY A 38 19.77 -22.45 -3.66
C GLY A 38 20.33 -21.01 -3.64
N VAL A 39 20.99 -20.61 -4.73
CA VAL A 39 21.53 -19.22 -4.90
C VAL A 39 21.04 -18.71 -6.30
N VAL A 40 21.71 -19.06 -7.42
CA VAL A 40 21.24 -18.75 -8.79
C VAL A 40 21.55 -20.04 -9.61
CG1 23Y B . -5.95 -0.39 6.90
CG9 23Y B . -4.97 -0.93 7.76
CG8 23Y B . -4.73 -0.34 8.99
OG2 23Y B . -6.28 -0.87 5.66
CG3 23Y B . -7.45 -0.13 5.22
CG5 23Y B . -6.68 0.77 7.29
CG6 23Y B . -6.41 1.41 8.56
CG7 23Y B . -5.43 0.81 9.38
CG4 23Y B . -7.61 1.15 6.12
CB1 23Y B . -6.24 0.44 3.03
CB2 23Y B . -6.24 0.70 1.65
CB3 23Y B . -7.43 0.69 0.95
OB3 23Y B . -7.44 0.93 -0.40
CB4 23Y B . -8.63 0.43 1.61
CB5 23Y B . -8.63 0.20 2.97
CB6 23Y B . -7.43 0.18 3.70
CC1 23Y B . -9.87 0.83 7.35
CC2 23Y B . -11.19 1.20 7.59
OC2 23Y B . -11.94 0.54 8.51
CC3 23Y B . -11.74 2.27 6.89
CC4 23Y B . -10.99 2.95 5.94
OC4 23Y B . -11.55 4.01 5.27
CC5 23Y B . -9.67 2.58 5.70
CC6 23Y B . -9.09 1.51 6.41
CD1 23Y B . -7.16 2.69 8.97
CD2 23Y B . -7.04 3.41 10.09
CE1 23Y B . -9.38 6.49 10.05
CE2 23Y B . -9.07 7.05 11.30
OE2 23Y B . -9.71 8.20 11.69
CE3 23Y B . -8.14 6.45 12.12
CE4 23Y B . -7.50 5.28 11.72
CE5 23Y B . -7.79 4.70 10.48
CE6 23Y B . -8.74 5.32 9.65
CF5 23Y B . -1.08 -0.83 12.34
OF 23Y B . -1.81 -1.07 11.10
CF1 23Y B . -3.19 -0.61 11.04
OF1 23Y B . -3.74 -0.99 9.75
CF2 23Y B . -4.01 -1.28 12.18
OF2 23Y B . -5.32 -0.70 12.26
CF3 23Y B . -3.30 -1.10 13.55
OF3 23Y B . -3.95 -1.87 14.55
CF4 23Y B . -1.81 -1.51 13.52
OF4 23Y B . -1.26 -1.12 14.78
CF6 23Y B . 0.37 -1.32 12.12
OF6 23Y B . 1.22 -0.92 13.19
HCG9 23Y B . -4.42 -1.80 7.45
HCG3 23Y B . -8.31 -0.81 5.42
HCG7 23Y B . -5.21 1.25 10.35
HCG4 23Y B . -7.10 1.99 5.62
HCB1 23Y B . -5.30 0.44 3.56
HCB2 23Y B . -5.30 0.90 1.15
HOB3 23Y B . -6.54 1.14 -0.68
HCB4 23Y B . -9.56 0.44 1.05
HCB5 23Y B . -9.58 0.00 3.47
HCC1 23Y B . -9.44 0.00 7.90
HOC2 23Y B . -11.41 -0.17 8.90
HCC3 23Y B . -12.77 2.56 7.09
HOC4 23Y B . -12.44 4.14 5.61
HCC5 23Y B . -9.12 3.10 4.93
HCD1 23Y B . -7.87 3.06 8.24
HCD2 23Y B . -6.33 3.05 10.84
HCE1 23Y B . -10.11 6.97 9.42
HOE2 23Y B . -9.40 8.45 12.56
HCE3 23Y B . -7.91 6.89 13.09
HCE4 23Y B . -6.77 4.83 12.38
HCE6 23Y B . -9.00 4.91 8.68
HCF5 23Y B . -1.03 0.27 12.51
HCF1 23Y B . -3.20 0.50 11.15
HCF2 23Y B . -4.10 -2.36 11.97
HOF2 23Y B . -5.75 -0.90 11.43
HCF3 23Y B . -3.36 -0.02 13.84
HOF3 23Y B . -3.42 -1.75 15.34
HCF4 23Y B . -1.75 -2.61 13.42
HOF4 23Y B . -0.37 -1.43 14.81
HF61 23Y B . 0.41 -2.43 11.97
HF62 23Y B . 0.77 -0.90 11.17
HCF6 23Y B . 1.26 -1.65 13.82
CG1 23Y C . 0.39 -13.11 -11.22
CG9 23Y C . 0.37 -12.66 -12.55
CG8 23Y C . 1.41 -11.89 -13.04
OG2 23Y C . -0.59 -13.87 -10.62
CG3 23Y C . -0.06 -14.28 -9.34
CG5 23Y C . 1.48 -12.79 -10.38
CG6 23Y C . 2.55 -11.97 -10.86
CG7 23Y C . 2.49 -11.55 -12.20
CG4 23Y C . 1.17 -13.37 -8.99
CB1 23Y C . -2.19 -13.40 -8.19
CB2 23Y C . -3.16 -13.46 -7.20
CB3 23Y C . -3.10 -14.46 -6.23
OB3 23Y C . -4.05 -14.54 -5.25
CB4 23Y C . -2.06 -15.39 -6.25
CB5 23Y C . -1.09 -15.34 -7.24
CB6 23Y C . -1.14 -14.33 -8.23
CC1 23Y C . 3.16 -15.03 -8.85
CC2 23Y C . 4.16 -15.66 -8.12
OC2 23Y C . 5.02 -16.53 -8.74
CC3 23Y C . 4.29 -15.42 -6.76
CC4 23Y C . 3.42 -14.54 -6.12
OC4 23Y C . 3.56 -14.31 -4.77
CC5 23Y C . 2.44 -13.89 -6.84
CC6 23Y C . 2.29 -14.12 -8.21
CD1 23Y C . 3.70 -11.55 -9.93
CD2 23Y C . 4.82 -10.84 -10.22
CE1 23Y C . 7.09 -10.44 -7.12
CE2 23Y C . 8.13 -9.69 -7.66
OE2 23Y C . 9.19 -9.30 -6.88
CE3 23Y C . 8.10 -9.33 -9.00
CE4 23Y C . 7.03 -9.70 -9.81
CE5 23Y C . 5.97 -10.45 -9.28
CE6 23Y C . 6.02 -10.83 -7.92
CF5 23Y C . 2.64 -8.17 -15.28
OF 23Y C . 1.94 -9.25 -14.59
CF1 23Y C . 2.11 -10.61 -15.12
OF1 23Y C . 1.26 -11.52 -14.38
CF2 23Y C . 1.66 -10.64 -16.60
OF2 23Y C . 2.00 -11.92 -17.18
CF3 23Y C . 2.35 -9.54 -17.43
OF3 23Y C . 1.77 -9.54 -18.73
CF4 23Y C . 2.20 -8.14 -16.78
OF4 23Y C . 2.98 -7.20 -17.51
CF6 23Y C . 2.35 -6.87 -14.52
OF6 23Y C . 3.11 -5.77 -15.01
HCG9 23Y C . -0.47 -12.91 -13.18
HCG3 23Y C . 0.30 -15.32 -9.50
HCG7 23Y C . 3.28 -10.94 -12.63
HCG4 23Y C . 0.82 -12.50 -8.40
HCB1 23Y C . -2.25 -12.62 -8.94
HCB2 23Y C . -3.97 -12.74 -7.18
HOB3 23Y C . -4.69 -13.84 -5.38
HCB4 23Y C . -2.02 -16.17 -5.50
HCB5 23Y C . -0.30 -16.06 -7.26
HCC1 23Y C . 3.06 -15.21 -9.91
HOC2 23Y C . 4.80 -16.57 -9.67
HCC3 23Y C . 5.06 -15.93 -6.19
HOC4 23Y C . 2.90 -13.70 -4.47
HCC5 23Y C . 1.76 -13.21 -6.33
HCD1 23Y C . 3.61 -11.88 -8.90
HCD2 23Y C . 4.93 -10.49 -11.24
HCE1 23Y C . 7.12 -10.73 -6.09
HOE2 23Y C . 9.04 -9.64 -5.99
HCE3 23Y C . 8.92 -8.76 -9.42
HCE4 23Y C . 7.03 -9.39 -10.84
HCE6 23Y C . 5.24 -11.43 -7.48
HCF5 23Y C . 3.72 -8.37 -15.23
HCF1 23Y C . 3.17 -10.91 -15.03
HCF2 23Y C . 0.57 -10.51 -16.64
HOF2 23Y C . 1.81 -11.83 -18.12
HCF3 23Y C . 3.42 -9.78 -17.53
HOF3 23Y C . 0.89 -9.17 -18.65
HCF4 23Y C . 1.13 -7.83 -16.83
HOF4 23Y C . 3.88 -7.51 -17.49
HF61 23Y C . 1.26 -6.63 -14.57
HF62 23Y C . 2.55 -7.02 -13.44
HCF6 23Y C . 4.03 -6.00 -14.92
N ASP A 1 -20.08 30.58 -2.50
CA ASP A 1 -19.59 29.62 -3.53
C ASP A 1 -18.75 28.49 -2.88
N ALA A 2 -19.15 27.23 -3.07
CA ALA A 2 -18.39 26.06 -2.54
C ALA A 2 -17.25 25.60 -3.51
N GLU A 3 -16.04 25.41 -2.95
CA GLU A 3 -14.86 24.93 -3.71
C GLU A 3 -14.30 23.67 -2.98
N PHE A 4 -14.39 22.49 -3.61
CA PHE A 4 -13.90 21.21 -3.02
C PHE A 4 -12.41 20.98 -3.43
N ARG A 5 -11.52 20.83 -2.43
CA ARG A 5 -10.08 20.58 -2.66
C ARG A 5 -9.68 19.30 -1.85
N HIS A 6 -9.26 18.24 -2.55
CA HIS A 6 -8.85 16.96 -1.91
C HIS A 6 -7.35 16.99 -1.49
N ASP A 7 -7.08 16.94 -0.17
CA ASP A 7 -5.69 16.95 0.38
C ASP A 7 -5.48 15.74 1.36
N SER A 8 -6.17 15.71 2.51
CA SER A 8 -6.09 14.60 3.49
C SER A 8 -7.52 14.19 3.97
N GLY A 9 -7.88 12.91 3.78
CA GLY A 9 -9.23 12.41 4.16
C GLY A 9 -9.51 11.04 3.55
N TYR A 10 -9.09 9.97 4.25
CA TYR A 10 -9.32 8.57 3.80
C TYR A 10 -10.63 8.03 4.46
N GLU A 11 -11.71 7.95 3.66
CA GLU A 11 -13.03 7.42 4.11
C GLU A 11 -13.54 6.50 2.96
N VAL A 12 -13.24 5.19 3.07
CA VAL A 12 -13.71 4.15 2.11
C VAL A 12 -14.09 2.89 2.93
N HIS A 13 -15.39 2.57 3.05
CA HIS A 13 -15.88 1.41 3.84
C HIS A 13 -15.87 0.06 3.05
N HIS A 14 -16.49 -0.01 1.86
CA HIS A 14 -16.45 -1.22 0.99
C HIS A 14 -15.22 -1.18 0.03
N GLN A 15 -14.36 -2.21 0.11
CA GLN A 15 -13.16 -2.33 -0.77
C GLN A 15 -13.52 -3.04 -2.11
N LYS A 16 -12.98 -2.49 -3.22
CA LYS A 16 -13.04 -3.13 -4.56
C LYS A 16 -11.62 -3.68 -4.82
N LEU A 17 -11.40 -5.02 -4.80
CA LEU A 17 -10.02 -5.60 -4.72
C LEU A 17 -9.10 -5.25 -5.95
N VAL A 18 -8.29 -4.22 -5.72
CA VAL A 18 -7.20 -3.76 -6.62
C VAL A 18 -6.13 -3.28 -5.59
N PHE A 19 -5.14 -4.14 -5.26
CA PHE A 19 -4.18 -3.86 -4.17
C PHE A 19 -3.13 -2.78 -4.58
N PHE A 20 -3.05 -1.70 -3.79
CA PHE A 20 -2.05 -0.61 -4.02
C PHE A 20 -0.83 -0.84 -3.07
N ALA A 21 0.34 -1.09 -3.66
CA ALA A 21 1.61 -1.21 -2.88
C ALA A 21 2.14 0.14 -2.32
N GLU A 22 2.89 0.10 -1.20
CA GLU A 22 3.50 1.34 -0.58
C GLU A 22 4.76 1.88 -1.35
N ASP A 23 4.51 2.38 -2.57
CA ASP A 23 5.48 3.05 -3.47
C ASP A 23 4.61 3.63 -4.63
N VAL A 24 4.24 4.92 -4.54
CA VAL A 24 3.37 5.61 -5.55
C VAL A 24 3.92 7.07 -5.69
N GLY A 25 4.06 7.53 -6.94
CA GLY A 25 4.59 8.90 -7.22
C GLY A 25 6.11 8.91 -7.50
N SER A 26 6.50 8.52 -8.72
CA SER A 26 7.94 8.47 -9.12
C SER A 26 8.16 9.20 -10.50
N ASN A 27 7.97 10.53 -10.48
CA ASN A 27 8.18 11.43 -11.66
C ASN A 27 8.16 12.94 -11.21
N LYS A 28 7.13 13.38 -10.45
CA LYS A 28 7.03 14.76 -9.90
C LYS A 28 8.05 15.12 -8.77
N GLY A 29 8.44 16.39 -8.70
CA GLY A 29 9.43 16.88 -7.70
C GLY A 29 9.83 18.34 -7.97
N ALA A 30 10.94 18.53 -8.71
CA ALA A 30 11.41 19.89 -9.12
C ALA A 30 11.75 19.91 -10.64
N ILE A 31 11.22 20.92 -11.37
CA ILE A 31 11.54 21.12 -12.82
C ILE A 31 12.49 22.38 -12.87
N ILE A 32 13.81 22.15 -12.88
CA ILE A 32 14.84 23.25 -12.90
C ILE A 32 16.05 22.89 -13.85
N GLY A 33 16.75 21.75 -13.61
CA GLY A 33 17.91 21.34 -14.45
C GLY A 33 18.45 19.96 -14.05
N LEU A 34 19.39 19.92 -13.09
CA LEU A 34 19.95 18.65 -12.55
C LEU A 34 19.03 18.06 -11.41
N MET A 35 18.82 16.73 -11.42
CA MET A 35 18.05 16.02 -10.35
C MET A 35 19.01 15.54 -9.22
N VAL A 36 18.85 16.07 -8.00
CA VAL A 36 19.67 15.67 -6.82
C VAL A 36 18.97 14.50 -6.05
N GLY A 37 19.40 13.25 -6.33
CA GLY A 37 18.75 12.04 -5.76
C GLY A 37 19.52 10.77 -6.11
N GLY A 38 20.51 10.43 -5.28
CA GLY A 38 21.37 9.24 -5.51
C GLY A 38 22.27 8.96 -4.28
N VAL A 39 21.74 8.18 -3.33
CA VAL A 39 22.48 7.83 -2.07
C VAL A 39 22.38 6.30 -1.77
N VAL A 40 21.18 5.74 -1.51
CA VAL A 40 20.97 4.28 -1.33
C VAL A 40 20.50 3.64 -2.67
CG1 23Y B . -3.97 2.70 3.54
CG9 23Y B . -2.60 3.02 3.58
CG8 23Y B . -2.14 3.99 4.48
OG2 23Y B . -4.56 1.78 2.71
CG3 23Y B . -5.94 1.64 3.15
CG5 23Y B . -4.89 3.39 4.39
CG6 23Y B . -4.42 4.43 5.27
CG7 23Y B . -3.05 4.69 5.29
CG4 23Y B . -6.29 2.87 4.06
CB1 23Y B . -6.75 2.03 0.75
CB2 23Y B . -7.64 1.81 -0.29
CB3 23Y B . -8.73 0.95 -0.11
OB3 23Y B . -9.61 0.72 -1.13
CB4 23Y B . -8.92 0.33 1.12
CB5 23Y B . -8.03 0.56 2.17
CB6 23Y B . -6.93 1.41 1.99
CC1 23Y B . -6.85 1.84 6.36
CC2 23Y B . -7.75 1.55 7.39
OC2 23Y B . -7.32 0.87 8.50
CC3 23Y B . -9.07 1.97 7.28
CC4 23Y B . -9.50 2.65 6.15
OC4 23Y B . -10.81 3.03 6.06
CC5 23Y B . -8.60 2.94 5.13
CC6 23Y B . -7.27 2.54 5.22
CD1 23Y B . -5.41 5.23 6.13
CD2 23Y B . -5.16 6.22 7.01
CE1 23Y B . -8.40 7.52 8.66
CE2 23Y B . -7.88 8.52 9.49
OE2 23Y B . -8.71 9.25 10.29
CE3 23Y B . -6.51 8.76 9.52
CE4 23Y B . -5.65 8.01 8.71
CE5 23Y B . -6.15 7.01 7.88
CE6 23Y B . -7.54 6.77 7.87
CF5 23Y B . 0.60 3.35 7.80
OF 23Y B . -0.28 3.90 6.76
CF1 23Y B . 0.13 3.68 5.37
OF1 23Y B . -0.80 4.35 4.47
CF2 23Y B . 1.54 4.29 5.14
OF2 23Y B . 2.00 3.99 3.83
CF3 23Y B . 2.55 3.76 6.19
OF3 23Y B . 3.79 4.45 6.07
CF4 23Y B . 2.03 3.93 7.64
OF4 23Y B . 2.92 3.26 8.55
CF6 23Y B . -0.03 3.65 9.17
OF6 23Y B . -0.23 5.05 9.37
HCG9 23Y B . -1.91 2.52 2.92
HCG3 23Y B . -5.95 0.74 3.79
HCG7 23Y B . -2.63 5.44 5.93
HCG4 23Y B . -6.74 3.67 3.42
HCB1 23Y B . -5.90 2.68 0.59
HCB2 23Y B . -7.49 2.28 -1.25
HOB3 23Y B . -9.33 1.23 -1.89
HCB4 23Y B . -9.77 -0.32 1.27
HCB5 23Y B . -8.19 0.07 3.12
HCC1 23Y B . -5.82 1.51 6.47
HOC2 23Y B . -8.07 0.77 9.10
HCC3 23Y B . -9.78 1.74 8.07
HOC4 23Y B . -10.96 3.44 5.20
HCC5 23Y B . -8.95 3.47 4.25
HCD1 23Y B . -6.46 4.98 5.99
HCD2 23Y B . -4.12 6.49 7.15
HCE1 23Y B . -9.46 7.33 8.64
HOE2 23Y B . -9.61 8.97 10.14
HCE3 23Y B . -6.12 9.52 10.16
HCE4 23Y B . -4.59 8.21 8.76
HCE6 23Y B . -7.97 6.00 7.24
HCF5 23Y B . 0.65 2.25 7.67
HCF1 23Y B . 0.15 2.60 5.15
HCF2 23Y B . 1.46 5.39 5.25
HOF2 23Y B . 1.29 4.22 3.22
HCF3 23Y B . 2.74 2.68 5.98
HOF3 23Y B . 3.59 5.38 6.18
HCF4 23Y B . 2.01 5.00 7.89
HOF4 23Y B . 3.03 2.37 8.20
HF61 23Y B . 0.62 3.24 9.97
HF62 23Y B . -1.00 3.12 9.25
HCF6 23Y B . -0.65 5.16 10.23
CG1 23Y C . 7.73 11.99 -20.57
CG9 23Y C . 6.59 11.35 -21.05
CG8 23Y C . 5.36 11.53 -20.43
OG2 23Y C . 8.99 11.88 -21.07
CG3 23Y C . 9.81 12.87 -20.39
CG5 23Y C . 7.64 12.84 -19.43
CG6 23Y C . 6.37 13.01 -18.76
CG7 23Y C . 5.25 12.36 -19.31
CG4 23Y C . 9.04 13.33 -19.11
CB1 23Y C . 11.52 11.03 -19.83
CB2 23Y C . 12.82 10.60 -19.61
CB3 23Y C . 13.88 11.50 -19.69
OB3 23Y C . 15.16 11.07 -19.47
CB4 23Y C . 13.63 12.83 -20.00
CB5 23Y C . 12.33 13.27 -20.22
CB6 23Y C . 11.25 12.37 -20.14
CC1 23Y C . 8.64 15.86 -19.48
CC2 23Y C . 8.87 17.19 -19.13
OC2 23Y C . 8.25 18.19 -19.82
CC3 23Y C . 9.73 17.50 -18.08
CC4 23Y C . 10.35 16.49 -17.37
OC4 23Y C . 11.20 16.81 -16.34
CC5 23Y C . 10.13 15.15 -17.70
CC6 23Y C . 9.27 14.83 -18.76
CD1 23Y C . 6.27 13.87 -17.48
CD2 23Y C . 5.18 14.18 -16.74
CE1 23Y C . 6.08 16.43 -13.73
CE2 23Y C . 4.84 16.54 -13.12
OE2 23Y C . 4.71 17.27 -11.96
CE3 23Y C . 3.73 15.92 -13.67
CE4 23Y C . 3.85 15.17 -14.84
CE5 23Y C . 5.10 15.05 -15.47
CE6 23Y C . 6.21 15.69 -14.91
CF5 23Y C . 1.45 10.15 -18.74
OF 23Y C . 2.80 10.28 -19.28
CF1 23Y C . 2.93 10.83 -20.62
OF1 23Y C . 4.31 10.82 -21.04
CF2 23Y C . 2.12 9.96 -21.62
OF2 23Y C . 2.10 10.57 -22.91
CF3 23Y C . 0.66 9.72 -21.13
OF3 23Y C . 0.02 8.76 -21.96
CF4 23Y C . 0.61 9.23 -19.67
OF4 23Y C . -0.76 9.19 -19.26
CF6 23Y C . 1.56 9.63 -17.29
OF6 23Y C . 2.31 10.52 -16.48
HCG9 23Y C . 6.67 10.70 -21.92
HCG3 23Y C . 9.87 13.73 -21.10
HCG7 23Y C . 4.28 12.46 -18.85
HCG4 23Y C . 9.38 12.70 -18.25
HCB1 23Y C . 10.71 10.31 -19.76
HCB2 23Y C . 13.03 9.56 -19.38
HOB3 23Y C . 15.76 11.81 -19.57
HCB4 23Y C . 14.45 13.54 -20.07
HCB5 23Y C . 12.15 14.31 -20.46
HCC1 23Y C . 7.99 15.62 -20.30
HOC2 23Y C . 7.69 17.81 -20.50
HCC3 23Y C . 9.89 18.54 -17.81
HOC4 23Y C . 11.55 16.00 -15.95
HCC5 23Y C . 10.63 14.38 -17.15
HCD1 23Y C . 7.21 14.28 -17.11
HCD2 23Y C . 4.23 13.76 -17.07
HCE1 23Y C . 6.95 16.91 -13.31
HOE2 23Y C . 5.52 17.74 -11.80
HCE3 23Y C . 2.76 16.02 -13.20
HCE4 23Y C . 2.98 14.69 -15.24
HCE6 23Y C . 7.19 15.61 -15.35
HCF5 23Y C . 0.97 11.15 -18.71
HCF1 23Y C . 2.54 11.87 -20.64
HCF2 23Y C . 2.62 8.97 -21.71
HOF2 23Y C . 1.52 11.34 -22.85
HCF3 23Y C . 0.10 10.67 -21.20
HOF3 23Y C . -0.82 8.59 -21.54
HCF4 23Y C . 1.03 8.20 -19.62
HOF4 23Y C . -0.77 8.85 -18.35
HF61 23Y C . 2.07 8.64 -17.29
HF62 23Y C . 0.56 9.47 -16.84
HCF6 23Y C . 1.88 11.39 -16.54
N ASP A 1 -27.63 13.80 10.69
CA ASP A 1 -29.09 14.02 10.87
C ASP A 1 -29.63 15.22 10.00
N ALA A 2 -29.15 16.46 10.21
CA ALA A 2 -29.60 17.65 9.43
C ALA A 2 -28.46 18.44 8.71
N GLU A 3 -27.38 18.84 9.43
CA GLU A 3 -26.23 19.56 8.82
C GLU A 3 -25.18 18.57 8.21
N PHE A 4 -24.73 18.85 6.98
CA PHE A 4 -23.71 18.01 6.29
C PHE A 4 -22.27 18.53 6.62
N ARG A 5 -21.41 17.64 7.15
CA ARG A 5 -20.00 17.97 7.47
C ARG A 5 -19.09 16.92 6.76
N HIS A 6 -18.25 17.39 5.81
CA HIS A 6 -17.32 16.52 5.05
C HIS A 6 -15.97 16.33 5.80
N ASP A 7 -15.61 15.09 6.14
CA ASP A 7 -14.32 14.75 6.80
C ASP A 7 -13.21 14.45 5.74
N SER A 8 -12.15 15.27 5.73
CA SER A 8 -11.01 15.10 4.80
C SER A 8 -9.92 14.15 5.36
N GLY A 9 -9.57 13.11 4.60
CA GLY A 9 -8.55 12.12 5.00
C GLY A 9 -8.66 10.85 4.15
N TYR A 10 -9.34 9.83 4.69
CA TYR A 10 -9.62 8.57 3.98
C TYR A 10 -11.09 8.14 4.29
N GLU A 11 -11.96 8.16 3.27
CA GLU A 11 -13.39 7.75 3.42
C GLU A 11 -13.70 6.68 2.33
N VAL A 12 -13.43 5.40 2.67
CA VAL A 12 -13.68 4.24 1.76
C VAL A 12 -14.08 3.03 2.67
N HIS A 13 -15.38 2.70 2.75
CA HIS A 13 -15.89 1.61 3.65
C HIS A 13 -15.69 0.18 3.05
N HIS A 14 -16.19 -0.10 1.83
CA HIS A 14 -15.97 -1.39 1.14
C HIS A 14 -14.81 -1.27 0.12
N GLN A 15 -13.76 -2.11 0.28
CA GLN A 15 -12.61 -2.15 -0.64
C GLN A 15 -12.86 -3.22 -1.74
N LYS A 16 -13.51 -2.81 -2.86
CA LYS A 16 -13.79 -3.73 -4.02
C LYS A 16 -12.65 -3.61 -5.10
N LEU A 17 -11.51 -4.26 -4.81
CA LEU A 17 -10.29 -4.29 -5.68
C LEU A 17 -9.33 -5.37 -5.10
N VAL A 18 -8.69 -6.20 -5.96
CA VAL A 18 -7.65 -7.17 -5.51
C VAL A 18 -6.31 -6.42 -5.17
N PHE A 19 -6.18 -6.03 -3.90
CA PHE A 19 -5.04 -5.20 -3.40
C PHE A 19 -3.64 -5.87 -3.50
N PHE A 20 -2.64 -5.12 -4.01
CA PHE A 20 -1.24 -5.59 -4.13
C PHE A 20 -0.29 -4.43 -3.71
N ALA A 21 0.47 -4.60 -2.62
CA ALA A 21 1.53 -3.63 -2.23
C ALA A 21 2.90 -3.96 -2.89
N GLU A 22 3.00 -3.67 -4.19
CA GLU A 22 4.23 -3.92 -4.99
C GLU A 22 5.07 -2.61 -5.14
N ASP A 23 6.39 -2.72 -5.01
CA ASP A 23 7.33 -1.58 -5.26
C ASP A 23 7.64 -1.48 -6.79
N VAL A 24 6.88 -0.61 -7.48
CA VAL A 24 7.05 -0.37 -8.95
C VAL A 24 7.97 0.88 -9.08
N GLY A 25 9.20 0.69 -9.60
CA GLY A 25 10.14 1.81 -9.82
C GLY A 25 9.92 2.62 -11.13
N SER A 26 8.77 3.29 -11.21
CA SER A 26 8.40 4.15 -12.37
C SER A 26 8.99 5.58 -12.24
N ASN A 27 9.49 6.13 -13.36
CA ASN A 27 10.04 7.51 -13.41
C ASN A 27 8.93 8.62 -13.31
N LYS A 28 8.51 8.92 -12.07
CA LYS A 28 7.45 9.93 -11.79
C LYS A 28 8.01 11.38 -11.65
N GLY A 29 9.04 11.63 -10.83
CA GLY A 29 9.64 12.97 -10.66
C GLY A 29 8.97 13.80 -9.55
N ALA A 30 7.90 14.52 -9.91
CA ALA A 30 7.08 15.29 -8.94
C ALA A 30 6.01 14.42 -8.22
N ILE A 31 5.98 14.51 -6.88
CA ILE A 31 4.97 13.81 -6.04
C ILE A 31 4.44 14.92 -5.05
N ILE A 32 3.30 15.55 -5.37
CA ILE A 32 2.68 16.61 -4.52
C ILE A 32 1.13 16.43 -4.56
N GLY A 33 0.48 16.28 -3.39
CA GLY A 33 -1.00 16.17 -3.31
C GLY A 33 -1.73 17.52 -3.21
N LEU A 34 -1.88 18.20 -4.35
CA LEU A 34 -2.58 19.50 -4.45
C LEU A 34 -3.66 19.40 -5.57
N MET A 35 -4.95 19.40 -5.19
CA MET A 35 -6.08 19.31 -6.15
C MET A 35 -7.05 20.50 -5.86
N VAL A 36 -7.14 21.47 -6.80
CA VAL A 36 -8.02 22.66 -6.64
C VAL A 36 -9.45 22.36 -7.21
N GLY A 37 -10.38 21.93 -6.33
CA GLY A 37 -11.73 21.46 -6.77
C GLY A 37 -11.78 19.96 -7.11
N GLY A 38 -12.00 19.10 -6.10
CA GLY A 38 -12.10 17.63 -6.30
C GLY A 38 -13.55 17.14 -6.53
N VAL A 39 -14.26 16.84 -5.43
CA VAL A 39 -15.71 16.50 -5.47
C VAL A 39 -16.47 17.76 -4.93
N VAL A 40 -17.00 18.58 -5.84
CA VAL A 40 -17.77 19.81 -5.50
C VAL A 40 -18.99 19.78 -6.46
CG1 23Y B . -5.62 -1.03 3.92
CG9 23Y B . -5.05 -2.30 4.09
CG8 23Y B . -4.62 -2.72 5.35
OG2 23Y B . -6.06 -0.48 2.74
CG3 23Y B . -6.75 0.74 3.08
CG5 23Y B . -5.74 -0.16 5.05
CG6 23Y B . -5.29 -0.58 6.34
CG7 23Y B . -4.75 -1.87 6.45
CG4 23Y B . -6.34 1.16 4.54
CB1 23Y B . -7.57 2.76 1.74
CB2 23Y B . -7.39 3.77 0.80
CB3 23Y B . -6.17 3.88 0.12
OB3 23Y B . -5.99 4.87 -0.81
CB4 23Y B . -5.13 2.99 0.40
CB5 23Y B . -5.32 1.98 1.34
CB6 23Y B . -6.53 1.86 2.02
CC1 23Y B . -7.46 3.20 5.57
CC2 23Y B . -8.46 3.82 6.31
OC2 23Y B . -8.41 5.16 6.56
CC3 23Y B . -9.52 3.07 6.82
CC4 23Y B . -9.57 1.70 6.60
OC4 23Y B . -10.60 0.97 7.13
CC5 23Y B . -8.58 1.07 5.86
CC6 23Y B . -7.50 1.81 5.34
CD1 23Y B . -5.36 0.38 7.55
CD2 23Y B . -5.02 0.15 8.84
CE1 23Y B . -5.68 3.23 11.06
CE2 23Y B . -5.23 2.76 12.30
OE2 23Y B . -5.28 3.57 13.39
CE3 23Y B . -4.72 1.47 12.40
CE4 23Y B . -4.66 0.64 11.28
CE5 23Y B . -5.11 1.10 10.04
CE6 23Y B . -5.62 2.41 9.93
CF5 23Y B . -0.89 -4.30 3.75
OF 23Y B . -2.28 -4.00 4.03
CF1 23Y B . -2.76 -4.31 5.38
OF1 23Y B . -4.18 -4.02 5.50
CF2 23Y B . -2.54 -5.81 5.67
OF2 23Y B . -2.83 -6.11 7.03
CF3 23Y B . -1.09 -6.24 5.37
OF3 23Y B . -0.97 -7.66 5.49
CF4 23Y B . -0.62 -5.81 3.97
OF4 23Y B . 0.77 -6.11 3.84
CF6 23Y B . -0.59 -3.81 2.32
OF6 23Y B . -1.48 -4.40 1.37
HCG9 23Y B . -4.97 -2.97 3.24
HCG3 23Y B . -7.83 0.48 3.07
HCG7 23Y B . -4.43 -2.26 7.41
HCG4 23Y B . -5.49 1.85 4.49
HCB1 23Y B . -8.51 2.69 2.26
HCB2 23Y B . -8.19 4.46 0.59
HOB3 23Y B . -6.80 5.37 -0.90
HCB4 23Y B . -4.20 3.08 -0.13
HCB5 23Y B . -4.50 1.30 1.54
HCC1 23Y B . -6.66 3.80 5.17
HOC2 23Y B . -7.63 5.51 6.12
HCC3 23Y B . -10.29 3.55 7.40
HOC4 23Y B . -10.49 0.04 6.89
HCC5 23Y B . -8.62 0.00 5.71
HCD1 23Y B . -5.75 1.38 7.34
HCD2 23Y B . -4.63 -0.84 9.07
HCE1 23Y B . -6.07 4.23 10.99
HOE2 23Y B . -4.94 3.09 14.15
HCE3 23Y B . -4.37 1.10 13.36
HCE4 23Y B . -4.25 -0.36 11.39
HCE6 23Y B . -5.99 2.80 9.00
HCF5 23Y B . -0.24 -3.72 4.44
HCF1 23Y B . -2.20 -3.71 6.13
HCF2 23Y B . -3.23 -6.40 5.02
HOF2 23Y B . -2.59 -7.04 7.14
HCF3 23Y B . -0.42 -5.77 6.13
HOF3 23Y B . -0.09 -7.86 5.18
HCF4 23Y B . -1.19 -6.40 3.21
HOF4 23Y B . 1.03 -5.83 2.96
HF61 23Y B . 0.46 -4.03 2.03
HF62 23Y B . -0.69 -2.70 2.28
HCF6 23Y B . -2.36 -4.22 1.72
CG1 23Y C . 10.25 6.00 1.84
CG9 23Y C . 10.52 7.37 1.96
CG8 23Y C . 10.28 8.22 0.89
OG2 23Y C . 10.45 5.05 2.81
CG3 23Y C . 9.85 3.83 2.32
CG5 23Y C . 9.74 5.47 0.62
CG6 23Y C . 9.52 6.35 -0.52
CG7 23Y C . 9.79 7.71 -0.33
CG4 23Y C . 9.62 3.95 0.78
CB1 23Y C . 12.04 2.59 2.81
CB2 23Y C . 12.75 1.45 3.20
CB3 23Y C . 12.06 0.28 3.53
OB3 23Y C . 12.76 -0.84 3.91
CB4 23Y C . 10.67 0.25 3.47
CB5 23Y C . 9.96 1.39 3.08
CB6 23Y C . 10.64 2.57 2.75
CC1 23Y C . 7.06 3.77 0.50
CC2 23Y C . 5.93 3.10 0.04
OC2 23Y C . 4.68 3.63 0.24
CC3 23Y C . 6.07 1.87 -0.62
CC4 23Y C . 7.35 1.34 -0.85
OC4 23Y C . 7.48 0.14 -1.49
CC5 23Y C . 8.47 2.02 -0.39
CC6 23Y C . 8.33 3.24 0.28
CD1 23Y C . 9.05 5.78 -1.87
CD2 23Y C . 8.78 6.43 -3.02
CE1 23Y C . 7.57 4.02 -5.78
CE2 23Y C . 7.36 4.91 -6.83
OE2 23Y C . 6.89 4.46 -8.04
CE3 23Y C . 7.64 6.26 -6.65
CE4 23Y C . 8.09 6.72 -5.43
CE5 23Y C . 8.29 5.84 -4.35
CE6 23Y C . 8.03 4.48 -4.55
CF5 23Y C . 12.69 10.62 -1.03
OF 23Y C . 11.23 10.48 -1.00
CF1 23Y C . 10.48 10.66 0.24
OF1 23Y C . 10.64 9.54 1.15
CF2 23Y C . 10.91 11.96 0.98
OF2 23Y C . 10.45 13.10 0.26
CF3 23Y C . 12.45 12.04 1.14
OF3 23Y C . 12.86 11.02 2.04
CF4 23Y C . 13.19 11.85 -0.22
OF4 23Y C . 12.96 13.02 -0.99
CF6 23Y C . 13.43 9.29 -0.76
OF6 23Y C . 13.36 8.87 0.60
HCG9 23Y C . 10.93 7.74 2.88
HCG3 23Y C . 8.85 3.77 2.83
HCG7 23Y C . 9.64 8.41 -1.14
HCG4 23Y C . 10.50 3.54 0.26
HCB1 23Y C . 12.59 3.48 2.57
HCB2 23Y C . 13.83 1.46 3.26
HOB3 23Y C . 12.14 -1.55 4.08
HCB4 23Y C . 10.13 -0.65 3.72
HCB5 23Y C . 8.88 1.36 3.03
HCC1 23Y C . 6.92 4.71 1.02
HOC2 23Y C . 4.03 3.05 -0.14
HCC3 23Y C . 5.20 1.35 -0.99
HOC4 23Y C . 8.32 0.13 -2.03
HCC5 23Y C . 9.44 1.59 -0.57
HCD1 23Y C . 8.92 4.69 -1.90
HCD2 23Y C . 8.92 7.51 -3.01
HCE1 23Y C . 7.37 2.96 -5.92
HOE2 23Y C . 7.05 3.50 -8.12
HCE3 23Y C . 7.51 6.95 -7.48
HCE4 23Y C . 8.30 7.78 -5.32
HCE6 23Y C . 8.17 3.76 -3.75
HCF5 23Y C . 12.94 10.85 -2.08
HCF1 23Y C . 9.41 10.74 -0.01
HCF2 23Y C . 10.45 11.97 2.00
HOF2 23Y C . 9.49 13.12 0.34
HCF3 23Y C . 12.73 13.02 1.57
HOF3 23Y C . 12.29 10.27 1.82
HCF4 23Y C . 14.28 11.78 -0.03
HOF4 23Y C . 12.00 13.14 -0.96
HF61 23Y C . 13.01 8.50 -1.41
HF62 23Y C . 14.49 9.38 -1.05
HCF6 23Y C . 13.84 9.52 1.12
N ASP A 1 -8.88 27.77 17.70
CA ASP A 1 -8.16 26.48 17.87
C ASP A 1 -6.67 26.61 17.41
N ALA A 2 -5.72 26.28 18.30
CA ALA A 2 -4.26 26.36 17.97
C ALA A 2 -3.68 25.22 17.09
N GLU A 3 -3.97 23.94 17.39
CA GLU A 3 -3.52 22.78 16.56
C GLU A 3 -4.45 22.51 15.33
N PHE A 4 -3.84 22.12 14.21
CA PHE A 4 -4.55 21.84 12.94
C PHE A 4 -5.10 20.37 12.92
N ARG A 5 -6.41 20.21 12.66
CA ARG A 5 -7.06 18.88 12.57
C ARG A 5 -7.84 18.83 11.22
N HIS A 6 -7.43 17.94 10.30
CA HIS A 6 -8.09 17.76 8.98
C HIS A 6 -9.21 16.68 9.08
N ASP A 7 -10.46 17.05 8.74
CA ASP A 7 -11.62 16.12 8.80
C ASP A 7 -11.72 15.11 7.61
N SER A 8 -11.71 15.58 6.35
CA SER A 8 -11.78 14.70 5.15
C SER A 8 -10.36 14.21 4.71
N GLY A 9 -10.24 12.91 4.46
CA GLY A 9 -8.97 12.31 4.00
C GLY A 9 -9.13 10.84 3.60
N TYR A 10 -8.94 9.92 4.57
CA TYR A 10 -9.18 8.47 4.36
C TYR A 10 -10.67 8.08 4.70
N GLU A 11 -11.54 8.11 3.67
CA GLU A 11 -12.97 7.75 3.82
C GLU A 11 -13.29 6.66 2.75
N VAL A 12 -13.16 5.39 3.13
CA VAL A 12 -13.46 4.23 2.23
C VAL A 12 -14.16 3.14 3.10
N HIS A 13 -15.44 2.84 2.81
CA HIS A 13 -16.23 1.83 3.58
C HIS A 13 -15.94 0.35 3.15
N HIS A 14 -16.00 0.02 1.84
CA HIS A 14 -15.71 -1.35 1.32
C HIS A 14 -14.79 -1.22 0.07
N GLN A 15 -13.65 -1.94 0.06
CA GLN A 15 -12.74 -1.99 -1.13
C GLN A 15 -13.25 -3.02 -2.19
N LYS A 16 -13.33 -2.62 -3.48
CA LYS A 16 -13.55 -3.59 -4.60
C LYS A 16 -12.21 -4.20 -5.16
N LEU A 17 -11.48 -4.86 -4.26
CA LEU A 17 -10.15 -5.51 -4.47
C LEU A 17 -9.74 -6.14 -3.09
N VAL A 18 -9.05 -7.30 -3.09
CA VAL A 18 -8.52 -7.91 -1.83
C VAL A 18 -7.34 -7.05 -1.24
N PHE A 19 -7.43 -6.66 0.05
CA PHE A 19 -6.37 -5.85 0.73
C PHE A 19 -5.05 -6.67 0.89
N PHE A 20 -3.96 -6.21 0.26
CA PHE A 20 -2.63 -6.84 0.39
C PHE A 20 -1.85 -6.12 1.54
N ALA A 21 -1.60 -6.85 2.64
CA ALA A 21 -0.69 -6.38 3.71
C ALA A 21 0.80 -6.57 3.28
N GLU A 22 1.57 -5.46 3.17
CA GLU A 22 2.98 -5.49 2.68
C GLU A 22 3.98 -6.11 3.72
N ASP A 23 4.10 -7.44 3.63
CA ASP A 23 4.98 -8.27 4.47
C ASP A 23 5.30 -9.53 3.61
N VAL A 24 6.41 -9.48 2.85
CA VAL A 24 6.83 -10.59 1.94
C VAL A 24 8.39 -10.60 1.92
N GLY A 25 9.01 -11.46 2.74
CA GLY A 25 10.49 -11.48 2.92
C GLY A 25 10.98 -10.55 4.05
N SER A 26 11.31 -9.30 3.69
CA SER A 26 11.74 -8.25 4.66
C SER A 26 10.54 -7.46 5.28
N ASN A 27 10.54 -7.29 6.62
CA ASN A 27 9.52 -6.48 7.33
C ASN A 27 9.97 -4.98 7.34
N LYS A 28 9.50 -4.20 6.34
CA LYS A 28 9.84 -2.75 6.21
C LYS A 28 8.88 -1.85 7.06
N GLY A 29 7.56 -1.82 6.79
CA GLY A 29 6.59 -1.02 7.57
C GLY A 29 6.54 0.47 7.17
N ALA A 30 7.38 1.29 7.81
CA ALA A 30 7.53 2.73 7.45
C ALA A 30 8.57 2.96 6.31
N ILE A 31 8.23 3.80 5.32
CA ILE A 31 9.16 4.20 4.22
C ILE A 31 10.07 5.39 4.68
N ILE A 32 11.21 5.09 5.35
CA ILE A 32 12.19 6.12 5.81
C ILE A 32 13.23 6.43 4.68
N GLY A 33 13.43 7.71 4.35
CA GLY A 33 14.46 8.13 3.36
C GLY A 33 15.86 8.32 3.95
N LEU A 34 16.59 7.22 4.16
CA LEU A 34 17.98 7.23 4.69
C LEU A 34 19.01 7.32 3.50
N MET A 35 19.76 8.42 3.43
CA MET A 35 20.81 8.64 2.40
C MET A 35 22.10 9.15 3.10
N VAL A 36 23.22 8.41 2.97
CA VAL A 36 24.54 8.82 3.57
C VAL A 36 25.31 9.74 2.57
N GLY A 37 25.15 11.06 2.72
CA GLY A 37 25.74 12.05 1.79
C GLY A 37 25.41 13.50 2.19
N GLY A 38 26.22 14.07 3.08
CA GLY A 38 25.99 15.43 3.62
C GLY A 38 26.99 15.76 4.74
N VAL A 39 28.18 16.26 4.38
CA VAL A 39 29.23 16.65 5.36
C VAL A 39 29.07 18.17 5.74
N VAL A 40 28.27 18.44 6.78
CA VAL A 40 28.00 19.81 7.29
C VAL A 40 28.05 19.65 8.84
CG1 23Y B . -3.79 1.58 4.27
CG9 23Y B . -2.52 1.17 4.65
CG8 23Y B . -2.16 1.13 6.00
OG2 23Y B . -4.26 1.68 2.99
CG3 23Y B . -5.68 1.96 3.07
CG5 23Y B . -4.74 1.97 5.26
CG6 23Y B . -4.38 1.96 6.66
CG7 23Y B . -3.09 1.50 6.98
CG4 23Y B . -5.99 2.45 4.52
CB1 23Y B . -5.38 3.96 1.48
CB2 23Y B . -5.84 4.78 0.46
CB3 23Y B . -7.09 4.55 -0.11
OB3 23Y B . -7.55 5.36 -1.11
CB4 23Y B . -7.88 3.49 0.33
CB5 23Y B . -7.42 2.67 1.36
CB6 23Y B . -6.17 2.90 1.95
CC1 23Y B . -7.66 0.69 5.44
CC2 23Y B . -8.92 0.33 5.90
OC2 23Y B . -9.15 -0.96 6.31
CC3 23Y B . -9.93 1.28 5.95
CC4 23Y B . -9.69 2.59 5.55
OC4 23Y B . -10.70 3.51 5.61
CC5 23Y B . -8.43 2.95 5.09
CC6 23Y B . -7.40 2.00 5.03
CD1 23Y B . -5.38 2.43 7.73
CD2 23Y B . -5.23 2.45 9.07
CE1 23Y B . -8.42 3.73 10.85
CE2 23Y B . -8.00 3.68 12.17
OE2 23Y B . -8.87 4.07 13.16
CE3 23Y B . -6.72 3.25 12.49
CE4 23Y B . -5.85 2.86 11.48
CE5 23Y B . -6.25 2.90 10.14
CE6 23Y B . -7.54 3.34 9.83
CF5 23Y B . 0.74 2.06 9.28
OF 23Y B . -0.14 1.89 8.14
CF1 23Y B . -0.19 0.57 7.51
OF1 23Y B . -0.85 0.70 6.22
CF2 23Y B . 1.23 -0.04 7.26
OF2 23Y B . 1.41 -1.24 8.02
CF3 23Y B . 2.37 0.96 7.57
OF3 23Y B . 2.36 1.94 6.54
CF4 23Y B . 2.22 1.72 8.91
OF4 23Y B . 2.83 0.97 9.97
CF6 23Y B . 0.55 3.51 9.77
OF6 23Y B . 1.30 3.78 10.95
HCG9 23Y B . -1.80 0.89 3.90
HCG3 23Y B . -6.17 0.98 2.93
HCG7 23Y B . -2.77 1.46 8.02
HCG4 23Y B . -5.94 3.56 4.54
HCB1 23Y B . -4.41 4.14 1.91
HCB2 23Y B . -5.22 5.59 0.10
HOB3 23Y B . -6.90 6.02 -1.31
HCB4 23Y B . -8.83 3.31 -0.12
HCB5 23Y B . -8.04 1.85 1.69
HCC1 23Y B . -6.88 -0.06 5.41
HOC2 23Y B . -10.06 -1.03 6.60
HCC3 23Y B . -10.92 1.01 6.30
HOC4 23Y B . -10.40 4.33 5.22
HCC5 23Y B . -8.26 3.97 4.76
HCD1 23Y B . -6.33 2.81 7.35
HCD2 23Y B . -4.29 2.09 9.47
HCE1 23Y B . -9.42 4.06 10.61
HOE2 23Y B . -8.43 3.99 14.01
HCE3 23Y B . -6.41 3.21 13.52
HCE4 23Y B . -4.86 2.51 11.76
HCE6 23Y B . -7.89 3.39 8.81
HCF5 23Y B . 0.40 1.39 10.09
HCF1 23Y B . -0.80 -0.13 8.14
HCF2 23Y B . 1.31 -0.32 6.19
HOF2 23Y B . 1.24 -1.04 8.93
HCF3 23Y B . 3.35 0.44 7.53
HOF3 23Y B . 1.49 2.36 6.60
HCF4 23Y B . 2.81 2.65 8.83
HOF4 23Y B . 2.35 0.15 10.06
HF61 23Y B . 0.85 4.21 8.97
HF62 23Y B . -0.53 3.71 9.94
HCF6 23Y B . 0.99 3.18 11.63
CG1 23Y C . 12.50 4.60 -6.96
CG9 23Y C . 13.81 4.76 -7.44
CG8 23Y C . 14.90 4.44 -6.62
OG2 23Y C . 11.34 4.88 -7.65
CG3 23Y C . 10.24 4.36 -6.84
CG5 23Y C . 12.28 4.12 -5.64
CG6 23Y C . 13.40 3.83 -4.78
CG7 23Y C . 14.68 3.98 -5.32
CG4 23Y C . 10.76 4.11 -5.39
CB1 23Y C . 7.70 4.66 -6.87
CB2 23Y C . 6.55 5.45 -6.94
CB3 23Y C . 6.67 6.84 -7.02
OB3 23Y C . 5.55 7.62 -7.08
CB4 23Y C . 7.92 7.44 -7.04
CB5 23Y C . 9.07 6.65 -6.99
CB6 23Y C . 8.97 5.25 -6.90
CC1 23Y C . 9.15 3.06 -3.71
CC2 23Y C . 8.55 1.97 -3.08
OC2 23Y C . 7.59 2.16 -2.13
CC3 23Y C . 8.94 0.68 -3.42
CC4 23Y C . 9.90 0.46 -4.39
OC4 23Y C . 10.28 -0.81 -4.71
CC5 23Y C . 10.49 1.55 -5.04
CC6 23Y C . 10.12 2.86 -4.70
CD1 23Y C . 13.18 3.38 -3.32
CD2 23Y C . 14.09 3.04 -2.40
CE1 23Y C . 12.46 2.05 0.95
CE2 23Y C . 13.59 1.76 1.71
OE2 23Y C . 13.46 1.30 3.00
CE3 23Y C . 14.85 1.89 1.16
CE4 23Y C . 15.00 2.31 -0.16
CE5 23Y C . 13.87 2.59 -0.95
CE6 23Y C . 12.60 2.45 -0.37
CF5 23Y C . 16.84 4.28 -10.68
OF 23Y C . 16.33 4.02 -9.33
CF1 23Y C . 16.76 4.94 -8.28
OF1 23Y C . 16.24 4.51 -7.00
CF2 23Y C . 18.30 4.96 -8.19
OF2 23Y C . 18.73 5.98 -7.28
CF3 23Y C . 18.97 5.18 -9.57
OF3 23Y C . 20.37 4.95 -9.44
CF4 23Y C . 18.40 4.25 -10.67
OF4 23Y C . 18.91 4.68 -11.93
CF6 23Y C . 16.19 3.23 -11.61
OF6 23Y C . 16.49 3.50 -12.98
HCG9 23Y C . 13.96 5.13 -8.45
HCG3 23Y C . 9.98 3.38 -7.30
HCG7 23Y C . 15.55 3.76 -4.72
HCG4 23Y C . 10.57 5.01 -4.77
HCB1 23Y C . 7.59 3.59 -6.81
HCB2 23Y C . 5.58 4.99 -6.92
HOB3 23Y C . 4.77 7.05 -7.06
HCB4 23Y C . 8.01 8.51 -7.11
HCB5 23Y C . 10.05 7.12 -7.00
HCC1 23Y C . 8.85 4.06 -3.44
HOC2 23Y C . 7.42 3.11 -2.04
HCC3 23Y C . 8.46 -0.17 -2.93
HOC4 23Y C . 10.90 -0.79 -5.43
HCC5 23Y C . 11.24 1.38 -5.81
HCD1 23Y C . 12.14 3.35 -3.00
HCD2 23Y C . 15.14 3.09 -2.70
HCE1 23Y C . 11.47 1.94 1.38
HOE2 23Y C . 12.57 1.48 3.31
HCE3 23Y C . 15.73 1.66 1.76
HCE4 23Y C . 16.00 2.41 -0.57
HCE6 23Y C . 11.71 2.66 -0.94
HCF5 23Y C . 16.51 5.28 -11.02
HCF1 23Y C . 16.38 5.97 -8.50
HCF2 23Y C . 18.63 3.97 -7.79
HOF2 23Y C . 18.56 6.82 -7.71
HCF3 23Y C . 18.81 6.23 -9.88
HOF3 23Y C . 20.78 5.25 -10.26
HCF4 23Y C . 18.72 3.21 -10.47
HOF4 23Y C . 19.82 4.38 -11.98
HF61 23Y C . 16.52 2.22 -11.33
HF62 23Y C . 15.10 3.26 -11.47
HCF6 23Y C . 16.09 2.80 -13.51
N ASP A 1 -28.25 22.36 6.90
CA ASP A 1 -28.26 21.39 5.78
C ASP A 1 -26.82 21.10 5.22
N ALA A 2 -26.12 22.10 4.65
CA ALA A 2 -24.72 21.92 4.17
C ALA A 2 -23.68 22.15 5.30
N GLU A 3 -22.82 21.14 5.53
CA GLU A 3 -21.72 21.22 6.53
C GLU A 3 -20.39 20.87 5.80
N PHE A 4 -19.68 21.92 5.33
CA PHE A 4 -18.40 21.76 4.59
C PHE A 4 -17.20 21.98 5.57
N ARG A 5 -16.64 20.88 6.08
CA ARG A 5 -15.48 20.91 7.02
C ARG A 5 -14.43 19.89 6.49
N HIS A 6 -13.25 20.38 6.10
CA HIS A 6 -12.14 19.51 5.60
C HIS A 6 -11.26 19.02 6.79
N ASP A 7 -11.49 17.78 7.24
CA ASP A 7 -10.76 17.17 8.40
C ASP A 7 -10.27 15.71 8.10
N SER A 8 -11.18 14.79 7.71
CA SER A 8 -10.81 13.39 7.38
C SER A 8 -10.35 13.25 5.89
N GLY A 9 -9.21 12.56 5.68
CA GLY A 9 -8.67 12.34 4.30
C GLY A 9 -9.26 11.13 3.56
N TYR A 10 -8.79 9.93 3.89
CA TYR A 10 -9.31 8.66 3.29
C TYR A 10 -10.52 8.12 4.12
N GLU A 11 -11.69 8.06 3.48
CA GLU A 11 -12.93 7.47 4.08
C GLU A 11 -13.58 6.58 2.99
N VAL A 12 -13.25 5.27 3.01
CA VAL A 12 -13.83 4.27 2.07
C VAL A 12 -14.16 2.98 2.89
N HIS A 13 -15.45 2.65 3.03
CA HIS A 13 -15.89 1.45 3.83
C HIS A 13 -15.80 0.11 3.02
N HIS A 14 -16.48 0.00 1.87
CA HIS A 14 -16.39 -1.20 0.99
C HIS A 14 -15.19 -1.07 -0.01
N GLN A 15 -14.19 -1.96 0.11
CA GLN A 15 -13.04 -2.01 -0.84
C GLN A 15 -13.38 -2.93 -2.06
N LYS A 16 -13.06 -2.48 -3.30
CA LYS A 16 -13.16 -3.35 -4.51
C LYS A 16 -11.89 -4.29 -4.65
N LEU A 17 -11.86 -5.29 -3.75
CA LEU A 17 -10.77 -6.30 -3.56
C LEU A 17 -11.26 -7.23 -2.39
N VAL A 18 -10.83 -8.52 -2.34
CA VAL A 18 -11.23 -9.45 -1.23
C VAL A 18 -10.77 -8.93 0.18
N PHE A 19 -11.73 -8.40 0.97
CA PHE A 19 -11.46 -7.76 2.27
C PHE A 19 -11.19 -8.83 3.38
N PHE A 20 -10.06 -8.69 4.08
CA PHE A 20 -9.73 -9.59 5.22
C PHE A 20 -10.21 -8.94 6.55
N ALA A 21 -11.19 -9.57 7.21
CA ALA A 21 -11.67 -9.14 8.55
C ALA A 21 -10.70 -9.51 9.72
N GLU A 22 -10.74 -8.75 10.83
CA GLU A 22 -9.87 -9.01 12.03
C GLU A 22 -10.32 -10.24 12.93
N ASP A 23 -10.23 -11.43 12.30
CA ASP A 23 -10.52 -12.75 12.89
C ASP A 23 -10.04 -13.78 11.82
N VAL A 24 -8.83 -14.33 12.03
CA VAL A 24 -8.23 -15.31 11.07
C VAL A 24 -7.64 -16.43 11.97
N GLY A 25 -8.37 -17.55 12.13
CA GLY A 25 -7.94 -18.68 12.97
C GLY A 25 -7.07 -19.70 12.22
N SER A 26 -5.84 -19.92 12.69
CA SER A 26 -4.90 -20.90 12.10
C SER A 26 -5.19 -22.36 12.52
N ASN A 27 -4.96 -23.34 11.64
CA ASN A 27 -5.16 -24.79 11.94
C ASN A 27 -4.04 -25.34 12.90
N LYS A 28 -4.26 -25.18 14.21
CA LYS A 28 -3.32 -25.63 15.29
C LYS A 28 -4.13 -26.03 16.56
N GLY A 29 -3.82 -27.21 17.11
CA GLY A 29 -4.55 -27.77 18.28
C GLY A 29 -4.14 -29.20 18.60
N ALA A 30 -2.99 -29.36 19.27
CA ALA A 30 -2.46 -30.68 19.70
C ALA A 30 -2.48 -30.78 21.24
N ILE A 31 -3.31 -31.69 21.79
CA ILE A 31 -3.38 -31.98 23.25
C ILE A 31 -3.64 -33.50 23.42
N ILE A 32 -2.70 -34.26 24.03
CA ILE A 32 -2.87 -35.74 24.25
C ILE A 32 -3.75 -36.05 25.52
N GLY A 33 -4.60 -37.07 25.39
CA GLY A 33 -5.50 -37.50 26.50
C GLY A 33 -6.22 -38.83 26.16
N LEU A 34 -5.53 -39.96 26.35
CA LEU A 34 -6.10 -41.31 26.11
C LEU A 34 -6.82 -41.81 27.39
N MET A 35 -8.15 -42.02 27.32
CA MET A 35 -8.95 -42.59 28.44
C MET A 35 -9.84 -43.76 27.89
N VAL A 36 -9.47 -45.00 28.22
CA VAL A 36 -10.23 -46.22 27.81
C VAL A 36 -10.25 -47.12 29.08
N GLY A 37 -11.39 -47.18 29.78
CA GLY A 37 -11.51 -47.95 31.04
C GLY A 37 -12.95 -47.99 31.56
N GLY A 38 -13.33 -46.99 32.37
CA GLY A 38 -14.71 -46.88 32.89
C GLY A 38 -14.90 -45.58 33.70
N VAL A 39 -15.27 -44.49 32.99
CA VAL A 39 -15.54 -43.16 33.61
C VAL A 39 -16.87 -42.63 33.00
N VAL A 40 -18.00 -42.86 33.71
CA VAL A 40 -19.36 -42.44 33.26
C VAL A 40 -20.07 -41.81 34.49
CG1 23Y B . -2.06 0.55 1.55
CG9 23Y B . -0.87 -0.08 1.15
CG8 23Y B . 0.34 0.61 1.20
OG2 23Y B . -3.33 0.00 1.55
CG3 23Y B . -4.20 0.94 2.24
CG5 23Y B . -2.03 1.90 2.00
CG6 23Y B . -0.79 2.63 2.02
CG7 23Y B . 0.37 1.94 1.63
CG4 23Y B . -3.47 2.33 2.32
CB1 23Y B . -5.82 0.89 0.25
CB2 23Y B . -7.11 0.96 -0.28
CB3 23Y B . -8.19 1.15 0.55
OB3 23Y B . -9.45 1.22 0.02
CB4 23Y B . -8.02 1.27 1.93
CB5 23Y B . -6.73 1.20 2.46
CB6 23Y B . -5.62 1.01 1.63
CC1 23Y B . -3.17 2.75 4.86
CC2 23Y B . -3.43 3.48 6.01
OC2 23Y B . -2.85 3.12 7.19
CC3 23Y B . -4.29 4.58 5.96
CC4 23Y B . -4.88 4.94 4.75
OC4 23Y B . -5.72 6.03 4.70
CC5 23Y B . -4.62 4.22 3.60
CC6 23Y B . -3.76 3.12 3.64
CD1 23Y B . -0.75 4.11 2.44
CD2 23Y B . 0.32 4.92 2.55
CE1 23Y B . -0.70 8.45 3.73
CE2 23Y B . 0.54 9.09 3.73
OE2 23Y B . 0.64 10.40 4.10
CE3 23Y B . 1.69 8.39 3.37
CE4 23Y B . 1.60 7.06 2.99
CE5 23Y B . 0.35 6.40 2.97
CE6 23Y B . -0.80 7.12 3.35
CF5 23Y B . 1.75 -3.64 1.14
OF 23Y B . 1.46 -2.24 1.43
CF1 23Y B . 1.86 -1.28 0.42
OF1 23Y B . 1.60 0.08 0.88
CF2 23Y B . 3.38 -1.39 0.14
OF2 23Y B . 3.73 -0.58 -0.98
CF3 23Y B . 3.82 -2.84 -0.13
OF3 23Y B . 5.25 -2.90 -0.12
CF4 23Y B . 3.28 -3.85 0.91
OF4 23Y B . 3.52 -5.17 0.45
CF6 23Y B . 1.18 -4.50 2.29
OF6 23Y B . 1.69 -4.06 3.55
HCG9 23Y B . -0.91 -1.11 0.80
HCG3 23Y B . -4.29 0.54 3.27
HCG7 23Y B . 1.33 2.43 1.66
HCG4 23Y B . -3.78 2.95 1.45
HCB1 23Y B . -4.97 0.74 -0.41
HCB2 23Y B . -7.26 0.85 -1.35
HOB3 23Y B . -10.07 1.35 0.73
HCB4 23Y B . -8.86 1.42 2.58
HCB5 23Y B . -6.60 1.30 3.53
HCC1 23Y B . -2.50 1.91 4.92
HOC2 23Y B . -3.13 3.73 7.89
HCC3 23Y B . -4.50 5.15 6.85
HOC4 23Y B . -5.81 6.39 5.59
HCC5 23Y B . -5.09 4.52 2.67
HCD1 23Y B . -1.71 4.55 2.67
HCD2 23Y B . 1.29 4.50 2.31
HCE1 23Y B . -1.58 9.00 4.02
HOE2 23Y B . -0.22 10.74 4.33
HCE3 23Y B . 2.65 8.89 3.38
HCE4 23Y B . 2.50 6.54 2.70
HCE6 23Y B . -1.76 6.66 3.36
HCF5 23Y B . 1.23 -3.93 0.21
HCF1 23Y B . 1.30 -1.47 -0.52
HCF2 23Y B . 3.92 -1.03 1.04
HOF2 23Y B . 3.53 0.34 -0.73
HCF3 23Y B . 3.45 -3.14 -1.13
HOF3 23Y B . 5.50 -3.75 -0.51
HCF4 23Y B . 3.80 -3.68 1.88
HOF4 23Y B . 4.47 -5.33 0.53
HF61 23Y B . 1.42 -5.57 2.14
HF62 23Y B . 0.08 -4.43 2.29
HCF6 23Y B . 1.54 -3.11 3.57
CG1 23Y C . -12.71 -26.83 26.04
CG9 23Y C . -12.51 -26.17 27.27
CG8 23Y C . -11.39 -25.39 27.47
OG2 23Y C . -13.77 -27.64 25.72
CG3 23Y C . -13.65 -27.94 24.31
CG5 23Y C . -11.74 -26.72 25.02
CG6 23Y C . -10.54 -25.95 25.23
CG7 23Y C . -10.41 -25.28 26.46
CG4 23Y C . -12.20 -27.61 23.85
CB1 23Y C . -13.89 -30.44 24.85
CB2 23Y C . -14.32 -31.73 24.53
CB3 23Y C . -14.98 -31.96 23.33
OB3 23Y C . -15.41 -33.23 23.02
CB4 23Y C . -15.22 -30.92 22.45
CB5 23Y C . -14.80 -29.63 22.77
CB6 23Y C . -14.12 -29.38 23.97
CC1 23Y C . -12.52 -25.72 22.08
CC2 23Y C . -12.42 -25.25 20.79
OC2 23Y C . -12.79 -23.97 20.50
CC3 23Y C . -11.94 -26.08 19.77
CC4 23Y C . -11.56 -27.39 20.07
OC4 23Y C . -11.09 -28.21 19.08
CC5 23Y C . -11.65 -27.86 21.37
CC6 23Y C . -12.12 -27.03 22.40
CD1 23Y C . -9.44 -25.89 24.15
CD2 23Y C . -8.27 -25.22 24.15
CE1 23Y C . -6.33 -25.71 20.85
CE2 23Y C . -5.19 -24.95 21.11
OE2 23Y C . -4.22 -24.81 20.15
CE3 23Y C . -5.05 -24.29 22.32
CE4 23Y C . -6.05 -24.39 23.29
CE5 23Y C . -7.20 -25.16 23.05
CE6 23Y C . -7.33 -25.82 21.82
CF5 23Y C . -9.57 -23.25 31.57
OF 23Y C . -10.27 -24.19 30.70
CF1 23Y C . -10.33 -23.91 29.28
OF1 23Y C . -11.35 -24.79 28.73
CF2 23Y C . -10.68 -22.42 28.97
OF2 23Y C . -9.56 -21.79 28.35
CF3 23Y C . -11.08 -21.59 30.22
OF3 23Y C . -12.38 -21.98 30.65
CF4 23Y C . -10.10 -21.79 31.41
OF4 23Y C . -9.00 -20.90 31.23
CF6 23Y C . -9.64 -23.78 33.02
OF6 23Y C . -10.99 -23.90 33.49
HCG9 23Y C . -13.26 -26.27 28.04
HCG3 23Y C . -14.36 -27.24 23.81
HCG7 23Y C . -9.54 -24.67 26.65
HCG4 23Y C . -11.59 -28.52 23.92
HCB1 23Y C . -13.38 -30.27 25.78
HCB2 23Y C . -14.13 -32.54 25.22
HOB3 23Y C . -15.17 -33.83 23.72
HCB4 23Y C . -15.74 -31.10 21.52
HCB5 23Y C . -14.98 -28.83 22.06
HCC1 23Y C . -12.89 -25.06 22.86
HOC2 23Y C . -12.65 -23.80 19.57
HCC3 23Y C . -11.86 -25.71 18.76
HOC4 23Y C . -11.10 -27.73 18.24
HCC5 23Y C . -11.36 -28.88 21.57
HCD1 23Y C . -9.64 -26.49 23.26
HCD2 23Y C . -8.06 -24.63 25.04
HCE1 23Y C . -6.45 -26.21 19.91
HOE2 23Y C . -4.53 -25.17 19.32
HCE3 23Y C . -4.18 -23.69 22.51
HCE4 23Y C . -5.93 -23.86 24.23
HCE6 23Y C . -8.20 -26.42 21.59
HCF5 23Y C . -8.51 -23.27 31.29
HCF1 23Y C . -9.34 -24.17 28.85
HCF2 23Y C . -11.52 -22.39 28.24
HOF2 23Y C . -8.90 -21.70 29.05
HCF3 23Y C . -11.12 -20.52 29.95
HOF3 23Y C . -12.95 -21.90 29.88
HCF4 23Y C . -10.63 -21.47 32.34
HOF4 23Y C . -9.35 -20.01 31.27
HF61 23Y C . -9.15 -24.77 33.07
HF62 23Y C . -9.07 -23.12 33.71
HCF6 23Y C . -11.43 -23.09 33.30
N ASP A 1 -8.21 6.97 24.35
CA ASP A 1 -9.00 6.86 25.61
C ASP A 1 -9.37 8.24 26.28
N ALA A 2 -8.39 9.12 26.57
CA ALA A 2 -8.68 10.43 27.22
C ALA A 2 -9.26 11.54 26.30
N GLU A 3 -8.69 11.76 25.09
CA GLU A 3 -9.19 12.77 24.11
C GLU A 3 -9.37 12.06 22.74
N PHE A 4 -10.62 11.96 22.26
CA PHE A 4 -10.95 11.32 20.95
C PHE A 4 -10.96 12.40 19.83
N ARG A 5 -10.04 12.29 18.86
CA ARG A 5 -9.93 13.24 17.72
C ARG A 5 -9.84 12.40 16.41
N HIS A 6 -10.80 12.58 15.49
CA HIS A 6 -10.83 11.83 14.20
C HIS A 6 -9.88 12.43 13.12
N ASP A 7 -9.11 11.57 12.43
CA ASP A 7 -8.20 11.99 11.34
C ASP A 7 -8.95 11.93 9.97
N SER A 8 -9.06 13.09 9.30
CA SER A 8 -9.71 13.18 7.96
C SER A 8 -8.71 12.91 6.79
N GLY A 9 -9.09 12.03 5.86
CA GLY A 9 -8.24 11.71 4.68
C GLY A 9 -8.94 10.77 3.70
N TYR A 10 -8.78 9.45 3.91
CA TYR A 10 -9.47 8.42 3.09
C TYR A 10 -10.79 7.97 3.78
N GLU A 11 -11.92 8.17 3.08
CA GLU A 11 -13.26 7.76 3.58
C GLU A 11 -13.89 6.77 2.54
N VAL A 12 -13.56 5.47 2.69
CA VAL A 12 -14.09 4.38 1.81
C VAL A 12 -14.36 3.14 2.72
N HIS A 13 -15.63 2.73 2.88
CA HIS A 13 -16.01 1.59 3.75
C HIS A 13 -15.78 0.19 3.09
N HIS A 14 -16.33 -0.07 1.89
CA HIS A 14 -16.13 -1.36 1.16
C HIS A 14 -14.85 -1.30 0.27
N GLN A 15 -13.97 -2.30 0.46
CA GLN A 15 -12.70 -2.41 -0.33
C GLN A 15 -12.97 -3.22 -1.65
N LYS A 16 -13.24 -2.50 -2.75
CA LYS A 16 -13.39 -3.14 -4.10
C LYS A 16 -12.01 -3.17 -4.84
N LEU A 17 -11.10 -4.02 -4.32
CA LEU A 17 -9.70 -4.16 -4.80
C LEU A 17 -9.19 -5.48 -4.15
N VAL A 18 -8.71 -6.45 -4.96
CA VAL A 18 -8.17 -7.73 -4.42
C VAL A 18 -6.80 -7.52 -3.67
N PHE A 19 -6.79 -7.65 -2.33
CA PHE A 19 -5.58 -7.40 -1.50
C PHE A 19 -4.55 -8.57 -1.68
N PHE A 20 -3.37 -8.25 -2.25
CA PHE A 20 -2.30 -9.26 -2.46
C PHE A 20 -1.39 -9.31 -1.20
N ALA A 21 -1.37 -10.47 -0.51
CA ALA A 21 -0.38 -10.73 0.56
C ALA A 21 1.06 -10.96 -0.02
N GLU A 22 2.07 -10.26 0.51
CA GLU A 22 3.47 -10.34 0.00
C GLU A 22 4.18 -11.70 0.39
N ASP A 23 3.84 -12.74 -0.37
CA ASP A 23 4.42 -14.11 -0.25
C ASP A 23 4.22 -14.73 -1.66
N VAL A 24 5.28 -14.75 -2.48
CA VAL A 24 5.22 -15.25 -3.88
C VAL A 24 6.50 -16.10 -4.15
N GLY A 25 6.33 -17.40 -4.43
CA GLY A 25 7.48 -18.33 -4.61
C GLY A 25 8.11 -18.32 -6.02
N SER A 26 7.43 -18.98 -6.97
CA SER A 26 7.86 -18.99 -8.39
C SER A 26 7.41 -17.71 -9.18
N ASN A 27 8.27 -17.18 -10.06
CA ASN A 27 7.92 -16.03 -10.94
C ASN A 27 6.99 -16.47 -12.13
N LYS A 28 5.67 -16.43 -11.89
CA LYS A 28 4.65 -16.82 -12.89
C LYS A 28 4.19 -15.60 -13.74
N GLY A 29 3.94 -15.84 -15.03
CA GLY A 29 3.52 -14.76 -15.96
C GLY A 29 3.31 -15.27 -17.39
N ALA A 30 4.40 -15.37 -18.17
CA ALA A 30 4.36 -15.94 -19.54
C ALA A 30 4.38 -17.49 -19.57
N ILE A 31 3.52 -18.09 -20.41
CA ILE A 31 3.48 -19.57 -20.62
C ILE A 31 4.34 -19.85 -21.90
N ILE A 32 5.61 -20.25 -21.72
CA ILE A 32 6.56 -20.56 -22.83
C ILE A 32 7.42 -21.79 -22.40
N GLY A 33 7.46 -22.84 -23.24
CA GLY A 33 8.30 -24.04 -22.95
C GLY A 33 9.75 -23.92 -23.46
N LEU A 34 10.59 -23.20 -22.70
CA LEU A 34 12.04 -23.01 -23.02
C LEU A 34 12.83 -23.38 -21.73
N MET A 35 13.55 -24.52 -21.76
CA MET A 35 14.38 -25.00 -20.63
C MET A 35 15.80 -25.34 -21.17
N VAL A 36 16.81 -24.56 -20.77
CA VAL A 36 18.23 -24.80 -21.18
C VAL A 36 19.06 -24.58 -19.88
N GLY A 37 19.53 -25.68 -19.25
CA GLY A 37 20.21 -25.60 -17.92
C GLY A 37 19.25 -25.71 -16.72
N GLY A 38 18.92 -26.94 -16.31
CA GLY A 38 18.02 -27.19 -15.16
C GLY A 38 17.75 -28.69 -14.97
N VAL A 39 16.66 -29.17 -15.58
CA VAL A 39 16.32 -30.63 -15.61
C VAL A 39 15.86 -30.90 -17.08
N VAL A 40 16.74 -31.49 -17.90
CA VAL A 40 16.44 -31.83 -19.32
C VAL A 40 17.04 -33.26 -19.49
CG1 23Y B . -1.85 0.62 2.07
CG9 23Y B . -0.47 0.35 1.99
CG8 23Y B . 0.46 1.26 2.51
OG2 23Y B . -2.88 -0.17 1.62
CG3 23Y B . -4.13 0.42 2.11
CG5 23Y B . -2.30 1.85 2.65
CG6 23Y B . -1.34 2.81 3.13
CG7 23Y B . 0.02 2.47 3.05
CG4 23Y B . -3.82 1.88 2.55
CB1 23Y B . -5.10 0.37 -0.27
CB2 23Y B . -6.16 0.25 -1.15
CB3 23Y B . -7.45 0.05 -0.67
OB3 23Y B . -8.50 -0.09 -1.55
CB4 23Y B . -7.67 -0.02 0.70
CB5 23Y B . -6.61 0.09 1.59
CB6 23Y B . -5.31 0.29 1.11
CC1 23Y B . -5.74 3.21 3.60
CC2 23Y B . -6.50 3.66 4.68
OC2 23Y B . -7.56 4.48 4.48
CC3 23Y B . -6.18 3.23 5.97
CC4 23Y B . -5.11 2.36 6.18
OC4 23Y B . -4.80 1.95 7.45
CC5 23Y B . -4.36 1.92 5.09
CC6 23Y B . -4.66 2.35 3.79
CD1 23Y B . -1.80 4.17 3.69
CD2 23Y B . -1.05 5.16 4.22
CE1 23Y B . -3.21 8.12 5.41
CE2 23Y B . -2.22 8.99 5.86
OE2 23Y B . -2.56 10.21 6.38
CE3 23Y B . -0.88 8.63 5.78
CE4 23Y B . -0.53 7.40 5.25
CE5 23Y B . -1.51 6.50 4.78
CE6 23Y B . -2.86 6.88 4.87
CF5 23Y B . 4.95 0.62 2.86
OF 23Y B . 3.79 -0.28 2.85
CF1 23Y B . 2.63 -0.01 2.00
OF1 23Y B . 1.85 1.10 2.55
CF2 23Y B . 3.06 0.29 0.54
OF2 23Y B . 3.48 -0.92 -0.10
CF3 23Y B . 4.20 1.34 0.47
OF3 23Y B . 3.67 2.63 0.79
CF4 23Y B . 5.38 1.05 1.43
OF4 23Y B . 6.21 0.03 0.86
CF6 23Y B . 4.75 1.80 3.83
OF6 23Y B . 4.46 1.33 5.14
HCG9 23Y B . -0.16 -0.58 1.54
HCG3 23Y B . -4.39 -0.18 3.02
HCG7 23Y B . 0.77 3.14 3.42
HCG4 23Y B . -4.04 2.56 1.70
HCB1 23Y B . -4.09 0.52 -0.65
HCB2 23Y B . -5.97 0.31 -2.22
HOB3 23Y B . -8.18 0.04 -2.44
HCB4 23Y B . -8.68 -0.17 1.07
HCB5 23Y B . -6.81 0.04 2.64
HCC1 23Y B . -5.99 3.55 2.60
HOC2 23Y B . -7.64 4.65 3.55
HCC3 23Y B . -6.78 3.58 6.80
HOC4 23Y B . -5.41 2.34 8.06
HCC5 23Y B . -3.53 1.25 5.28
HCD1 23Y B . -2.87 4.34 3.67
HCD2 23Y B . 0.03 5.00 4.24
HCE1 23Y B . -4.25 8.40 5.47
HOE2 23Y B . -3.51 10.29 6.41
HCE3 23Y B . -0.12 9.31 6.14
HCE4 23Y B . 0.52 7.14 5.20
HCE6 23Y B . -3.65 6.23 4.53
HCF5 23Y B . 5.79 0.04 3.29
HCF1 23Y B . 2.00 -0.93 2.00
HCF2 23Y B . 2.19 0.67 -0.02
HOF2 23Y B . 4.02 -1.39 0.52
HCF3 23Y B . 4.59 1.37 -0.57
HOF3 23Y B . 2.91 2.76 0.21
HCF4 23Y B . 6.01 1.96 1.49
HOF4 23Y B . 5.77 -0.80 1.03
HF61 23Y B . 3.95 2.47 3.48
HF62 23Y B . 5.67 2.42 3.88
HCF6 23Y B . 3.71 0.73 5.04
CG1 23Y C . -8.36 -15.58 -19.07
CG9 23Y C . -7.96 -14.67 -20.06
CG8 23Y C . -6.63 -14.27 -20.15
OG2 23Y C . -9.63 -16.04 -18.87
CG3 23Y C . -9.55 -17.12 -17.89
CG5 23Y C . -7.41 -16.10 -18.16
CG6 23Y C . -6.03 -15.66 -18.22
CG7 23Y C . -5.69 -14.76 -19.24
CG4 23Y C . -8.15 -17.00 -17.17
CB1 23Y C . -11.25 -18.38 -16.48
CB2 23Y C . -12.35 -18.43 -15.63
CB3 23Y C . -12.96 -17.25 -15.21
OB3 23Y C . -14.04 -17.32 -14.37
CB4 23Y C . -12.47 -16.03 -15.64
CB5 23Y C . -11.38 -15.97 -16.50
CB6 23Y C . -10.76 -17.15 -16.93
CC1 23Y C . -6.97 -19.23 -17.78
CC2 23Y C . -6.40 -20.45 -17.41
OC2 23Y C . -5.83 -21.27 -18.34
CC3 23Y C . -6.42 -20.85 -16.08
CC4 23Y C . -6.99 -20.03 -15.11
OC4 23Y C . -7.00 -20.41 -13.80
CC5 23Y C . -7.55 -18.81 -15.48
CC6 23Y C . -7.53 -18.39 -16.81
CD1 23Y C . -5.00 -16.16 -17.18
CD2 23Y C . -3.68 -15.90 -17.10
CE1 23Y C . -2.07 -17.75 -14.11
CE2 23Y C . -0.75 -17.32 -14.22
OE2 23Y C . 0.18 -17.77 -13.33
CE3 23Y C . -0.39 -16.46 -15.25
CE4 23Y C . -1.33 -16.01 -16.16
CE5 23Y C . -2.67 -16.43 -16.06
CE6 23Y C . -3.02 -17.31 -15.03
CF5 23Y C . -3.73 -10.88 -20.59
OF 23Y C . -4.75 -11.89 -20.36
CF1 23Y C . -5.13 -12.74 -21.50
OF1 23Y C . -6.40 -13.36 -21.18
CF2 23Y C . -5.31 -11.91 -22.83
OF2 23Y C . -4.25 -12.22 -23.74
CF3 23Y C . -5.32 -10.39 -22.59
OF3 23Y C . -6.54 -10.07 -21.93
CF4 23Y C . -4.15 -9.89 -21.71
OF4 23Y C . -3.01 -9.65 -22.56
CF6 23Y C . -3.46 -10.18 -19.24
OF6 23Y C . -3.03 -11.13 -18.28
HCG9 23Y C . -8.70 -14.28 -20.74
HCG3 23Y C . -9.56 -18.05 -18.49
HCG7 23Y C . -4.67 -14.42 -19.34
HCG4 23Y C . -8.27 -16.40 -16.25
HCB1 23Y C . -10.79 -19.31 -16.81
HCB2 23Y C . -12.73 -19.39 -15.29
HOB3 23Y C . -14.34 -16.42 -14.18
HCB4 23Y C . -12.95 -15.10 -15.32
HCB5 23Y C . -11.01 -15.01 -16.84
HCC1 23Y C . -6.95 -18.93 -18.81
HOC2 23Y C . -5.90 -20.84 -19.21
HCC3 23Y C . -5.98 -21.79 -15.80
HOC4 23Y C . -6.58 -21.27 -13.72
HCC5 23Y C . -7.99 -18.18 -14.70
HCD1 23Y C . -5.40 -16.80 -16.40
HCD2 23Y C . -3.26 -15.26 -17.86
HCE1 23Y C . -2.36 -18.43 -13.32
HOE2 23Y C . -0.27 -18.33 -12.70
HCE3 23Y C . 0.65 -16.13 -15.33
HCE4 23Y C . -1.02 -15.34 -16.94
HCE6 23Y C . -4.04 -17.67 -14.91
HCF5 23Y C . -2.79 -11.40 -20.89
HCF1 23Y C . -4.36 -13.52 -21.65
HCF2 23Y C . -6.26 -12.21 -23.30
HOF2 23Y C . -4.50 -11.81 -24.58
HCF3 23Y C . -5.31 -9.85 -23.56
HOF3 23Y C . -6.50 -10.54 -21.10
HCF4 23Y C . -4.45 -8.91 -21.29
HOF4 23Y C . -2.81 -10.49 -22.96
HF61 23Y C . -2.69 -9.39 -19.36
HF62 23Y C . -4.38 -9.68 -18.88
HCF6 23Y C . -3.69 -11.84 -18.29
N ASP A 1 5.61 25.74 -4.63
CA ASP A 1 4.97 24.55 -4.02
C ASP A 1 5.36 23.28 -4.85
N ALA A 2 6.21 22.40 -4.29
CA ALA A 2 6.66 21.17 -5.00
C ALA A 2 5.79 19.90 -4.71
N GLU A 3 5.67 19.45 -3.44
CA GLU A 3 4.77 18.34 -3.06
C GLU A 3 4.02 18.67 -1.73
N PHE A 4 2.79 19.20 -1.85
CA PHE A 4 1.96 19.62 -0.68
C PHE A 4 0.49 19.18 -0.97
N ARG A 5 -0.06 18.30 -0.12
CA ARG A 5 -1.49 17.86 -0.23
C ARG A 5 -2.40 18.82 0.60
N HIS A 6 -3.39 19.46 -0.06
CA HIS A 6 -4.34 20.39 0.62
C HIS A 6 -5.53 19.67 1.33
N ASP A 7 -6.31 18.84 0.61
CA ASP A 7 -7.42 18.04 1.20
C ASP A 7 -6.87 16.64 1.67
N SER A 8 -7.05 16.34 2.96
CA SER A 8 -6.62 15.06 3.57
C SER A 8 -7.80 14.39 4.34
N GLY A 9 -8.11 13.14 4.02
CA GLY A 9 -9.25 12.42 4.62
C GLY A 9 -9.52 11.09 3.91
N TYR A 10 -9.15 9.98 4.56
CA TYR A 10 -9.35 8.62 3.99
C TYR A 10 -10.72 8.04 4.48
N GLU A 11 -11.69 7.93 3.55
CA GLU A 11 -13.03 7.35 3.84
C GLU A 11 -13.41 6.36 2.69
N VAL A 12 -13.02 5.09 2.86
CA VAL A 12 -13.34 4.00 1.89
C VAL A 12 -13.93 2.85 2.77
N HIS A 13 -15.26 2.67 2.73
CA HIS A 13 -15.96 1.63 3.55
C HIS A 13 -15.94 0.22 2.89
N HIS A 14 -16.47 0.06 1.66
CA HIS A 14 -16.37 -1.21 0.89
C HIS A 14 -15.15 -1.11 -0.07
N GLN A 15 -14.10 -1.91 0.20
CA GLN A 15 -12.86 -1.95 -0.62
C GLN A 15 -12.99 -3.08 -1.69
N LYS A 16 -13.45 -2.74 -2.91
CA LYS A 16 -13.53 -3.69 -4.05
C LYS A 16 -12.22 -3.62 -4.90
N LEU A 17 -11.16 -4.23 -4.35
CA LEU A 17 -9.76 -4.20 -4.87
C LEU A 17 -8.99 -5.24 -4.00
N VAL A 18 -8.23 -6.15 -4.63
CA VAL A 18 -7.39 -7.14 -3.87
C VAL A 18 -6.09 -6.39 -3.41
N PHE A 19 -6.09 -5.90 -2.15
CA PHE A 19 -5.00 -5.05 -1.61
C PHE A 19 -3.73 -5.88 -1.25
N PHE A 20 -2.54 -5.34 -1.57
CA PHE A 20 -1.25 -5.98 -1.22
C PHE A 20 -0.81 -5.55 0.21
N ALA A 21 -0.72 -6.51 1.14
CA ALA A 21 -0.24 -6.27 2.52
C ALA A 21 1.30 -6.01 2.62
N GLU A 22 1.74 -5.26 3.66
CA GLU A 22 3.19 -4.97 3.90
C GLU A 22 3.98 -6.22 4.41
N ASP A 23 4.48 -7.02 3.46
CA ASP A 23 5.23 -8.29 3.71
C ASP A 23 6.41 -8.49 2.69
N VAL A 24 6.21 -8.20 1.39
CA VAL A 24 7.25 -8.32 0.33
C VAL A 24 7.31 -6.98 -0.49
N GLY A 25 8.49 -6.36 -0.56
CA GLY A 25 8.68 -5.07 -1.28
C GLY A 25 10.15 -4.84 -1.66
N SER A 26 10.58 -5.42 -2.78
CA SER A 26 11.99 -5.33 -3.27
C SER A 26 12.02 -4.78 -4.73
N ASN A 27 12.92 -3.82 -4.98
CA ASN A 27 13.13 -3.28 -6.36
C ASN A 27 14.14 -4.18 -7.13
N LYS A 28 13.61 -5.12 -7.94
CA LYS A 28 14.43 -6.06 -8.75
C LYS A 28 14.77 -5.46 -10.15
N GLY A 29 15.99 -5.72 -10.62
CA GLY A 29 16.47 -5.20 -11.92
C GLY A 29 18.01 -5.13 -11.96
N ALA A 30 18.57 -3.97 -11.57
CA ALA A 30 20.04 -3.78 -11.45
C ALA A 30 20.41 -3.23 -10.04
N ILE A 31 21.31 -3.90 -9.32
CA ILE A 31 21.84 -3.40 -8.00
C ILE A 31 23.12 -2.53 -8.24
N ILE A 32 23.05 -1.22 -7.96
CA ILE A 32 24.24 -0.31 -8.05
C ILE A 32 25.03 -0.31 -6.70
N GLY A 33 26.33 -0.67 -6.74
CA GLY A 33 27.20 -0.65 -5.53
C GLY A 33 27.88 0.70 -5.27
N LEU A 34 27.13 1.68 -4.74
CA LEU A 34 27.64 3.04 -4.40
C LEU A 34 27.06 3.44 -3.01
N MET A 35 27.94 3.67 -2.02
CA MET A 35 27.54 4.14 -0.67
C MET A 35 27.51 5.71 -0.65
N VAL A 36 26.32 6.29 -0.38
CA VAL A 36 26.16 7.76 -0.23
C VAL A 36 26.00 8.03 1.31
N GLY A 37 27.06 8.50 1.97
CA GLY A 37 27.05 8.71 3.43
C GLY A 37 28.34 9.39 3.94
N GLY A 38 29.37 8.59 4.27
CA GLY A 38 30.69 9.13 4.69
C GLY A 38 31.68 9.39 3.54
N VAL A 39 32.42 8.35 3.14
CA VAL A 39 33.36 8.43 1.97
C VAL A 39 32.61 8.05 0.65
N VAL A 40 32.48 9.02 -0.29
CA VAL A 40 31.86 8.79 -1.63
C VAL A 40 32.95 8.38 -2.67
CG1 23Y B . -7.24 0.14 4.73
CG9 23Y B . -7.48 -1.14 5.27
CG8 23Y B . -6.75 -1.59 6.38
OG2 23Y B . -7.87 0.72 3.67
CG3 23Y B . -7.43 2.10 3.59
CG5 23Y B . -6.24 0.98 5.31
CG6 23Y B . -5.45 0.50 6.43
CG7 23Y B . -5.76 -0.78 6.93
CG4 23Y B . -6.17 2.26 4.49
CB1 23Y B . -7.60 3.89 1.78
CB2 23Y B . -7.44 4.34 0.46
CB3 23Y B . -6.93 3.47 -0.51
OB3 23Y B . -6.77 3.91 -1.80
CB4 23Y B . -6.57 2.18 -0.17
CB5 23Y B . -6.71 1.74 1.15
CB6 23Y B . -7.24 2.59 2.13
CC1 23Y B . -6.95 3.91 6.33
CC2 23Y B . -6.82 5.12 7.02
OC2 23Y B . -7.64 5.41 8.08
CC3 23Y B . -5.84 6.03 6.66
CC4 23Y B . -4.99 5.74 5.60
OC4 23Y B . -3.99 6.62 5.27
CC5 23Y B . -5.13 4.56 4.88
CC6 23Y B . -6.10 3.62 5.25
CD1 23Y B . -4.31 1.35 7.01
CD2 23Y B . -3.51 1.08 8.06
CE1 23Y B . -1.01 3.94 8.74
CE2 23Y B . -0.31 3.42 9.82
OE2 23Y B . 0.71 4.13 10.39
CE3 23Y B . -0.63 2.16 10.32
CE4 23Y B . -1.66 1.43 9.74
CE5 23Y B . -2.39 1.93 8.65
CE6 23Y B . -2.05 3.21 8.16
CF5 23Y B . -10.29 -4.34 6.51
OF 23Y B . -9.23 -3.38 6.78
CF1 23Y B . -7.86 -3.86 6.65
OF1 23Y B . -6.92 -2.81 7.03
CF2 23Y B . -7.63 -5.08 7.58
OF2 23Y B . -6.36 -5.66 7.31
CF3 23Y B . -8.74 -6.15 7.43
OF3 23Y B . -8.61 -7.10 8.49
CF4 23Y B . -10.16 -5.55 7.48
OF4 23Y B . -11.12 -6.56 7.14
CF6 23Y B . -11.63 -3.60 6.64
OF6 23Y B . -12.72 -4.46 6.31
HCG9 23Y B . -8.25 -1.75 4.83
HCG3 23Y B . -8.27 2.69 4.03
HCG7 23Y B . -5.21 -1.17 7.77
HCG4 23Y B . -5.25 2.15 3.86
HCB1 23Y B . -8.00 4.57 2.52
HCB2 23Y B . -7.72 5.34 0.19
HOB3 23Y B . -7.05 4.83 -1.86
HCB4 23Y B . -6.18 1.52 -0.93
HCB5 23Y B . -6.41 0.74 1.40
HCC1 23Y B . -7.69 3.19 6.65
HOC2 23Y B . -8.23 4.66 8.23
HCC3 23Y B . -5.74 6.96 7.19
HOC4 23Y B . -3.64 6.39 4.41
HCC5 23Y B . -4.47 4.35 4.04
HCD1 23Y B . -4.13 2.30 6.51
HCD2 23Y B . -3.66 0.13 8.56
HCE1 23Y B . -0.76 4.92 8.35
HOE2 23Y B . 0.81 4.96 9.92
HCE3 23Y B . -0.08 1.76 11.15
HCE4 23Y B . -1.89 0.45 10.15
HCE6 23Y B . -2.58 3.65 7.33
HCF5 23Y B . -10.20 -4.69 5.46
HCF1 23Y B . -7.67 -4.16 5.59
HCF2 23Y B . -7.64 -4.69 8.62
HOF2 23Y B . -6.15 -6.25 8.04
HCF3 23Y B . -8.59 -6.66 6.46
HOF3 23Y B . -7.81 -7.60 8.33
HCF4 23Y B . -10.36 -5.20 8.51
HOF4 23Y B . -10.82 -6.94 6.30
HF61 23Y B . -11.76 -3.22 7.67
HF62 23Y B . -11.65 -2.72 5.99
HCF6 23Y B . -12.60 -5.26 6.85
CG1 23Y C . 21.77 -7.75 4.08
CG9 23Y C . 22.26 -9.07 3.98
CG8 23Y C . 22.15 -9.77 2.77
OG2 23Y C . 21.80 -6.97 5.20
CG3 23Y C . 21.38 -5.64 4.80
CG5 23Y C . 21.16 -7.14 2.95
CG6 23Y C . 21.03 -7.86 1.71
CG7 23Y C . 21.55 -9.16 1.66
CG4 23Y C . 20.68 -5.76 3.40
CB1 23Y C . 20.68 -3.55 6.07
CB2 23Y C . 19.93 -2.89 7.04
CB3 23Y C . 19.04 -3.60 7.84
OB3 23Y C . 18.31 -2.96 8.79
CB4 23Y C . 18.90 -4.98 7.67
CB5 23Y C . 19.65 -5.64 6.69
CB6 23Y C . 20.54 -4.92 5.88
CC1 23Y C . 19.91 -3.59 2.32
CC2 23Y C . 20.10 -2.47 1.50
OC2 23Y C . 19.08 -1.56 1.35
CC3 23Y C . 21.31 -2.29 0.85
CC4 23Y C . 22.35 -3.20 1.01
OC4 23Y C . 23.54 -3.02 0.38
CC5 23Y C . 22.16 -4.31 1.83
CC6 23Y C . 20.94 -4.52 2.48
CD1 23Y C . 20.31 -7.21 0.51
CD2 23Y C . 20.10 -7.72 -0.72
CE1 23Y C . 18.19 -5.22 -2.98
CE2 23Y C . 18.08 -5.98 -4.15
OE2 23Y C . 17.45 -5.48 -5.26
CE3 23Y C . 18.62 -7.26 -4.21
CE4 23Y C . 19.27 -7.79 -3.11
CE5 23Y C . 19.38 -7.06 -1.92
CE6 23Y C . 18.84 -5.76 -1.87
CF5 23Y C . 21.23 -13.36 0.28
OF 23Y C . 21.37 -12.35 1.31
CF1 23Y C . 22.73 -12.01 1.74
OF1 23Y C . 22.68 -11.06 2.83
CF2 23Y C . 23.44 -13.29 2.25
OF2 23Y C . 24.81 -13.02 2.52
CF3 23Y C . 23.35 -14.44 1.24
OF3 23Y C . 23.87 -15.62 1.84
CF4 23Y C . 21.89 -14.70 0.76
OF4 23Y C . 21.89 -15.65 -0.29
CF6 23Y C . 19.74 -13.51 -0.06
OF6 23Y C . 18.95 -13.85 1.07
HCG9 23Y C . 22.70 -9.54 4.84
HCG3 23Y C . 22.33 -5.08 4.67
HCG7 23Y C . 21.48 -9.74 0.75
HCG4 23Y C . 19.59 -5.88 3.56
HCB1 23Y C . 21.35 -2.97 5.45
HCB2 23Y C . 20.03 -1.82 7.18
HOB3 23Y C . 17.76 -3.59 9.26
HCB4 23Y C . 18.21 -5.54 8.28
HCB5 23Y C . 19.53 -6.71 6.57
HCC1 23Y C . 18.96 -3.70 2.81
HOC2 23Y C . 19.39 -0.85 0.77
HCC3 23Y C . 21.46 -1.42 0.22
HOC4 23Y C . 23.50 -2.22 -0.14
HCC5 23Y C . 22.97 -5.02 1.95
HCD1 23Y C . 19.89 -6.23 0.68
HCD2 23Y C . 20.49 -8.71 -0.92
HCE1 23Y C . 17.78 -4.23 -2.94
HOE2 23Y C . 17.13 -4.59 -5.09
HCE3 23Y C . 18.55 -7.83 -5.13
HCE4 23Y C . 19.68 -8.79 -3.18
HCE6 23Y C . 18.91 -5.16 -0.98
HCF5 23Y C . 21.76 -13.02 -0.63
HCF1 23Y C . 23.30 -11.57 0.89
HCF2 23Y C . 22.95 -13.59 3.20
HOF2 23Y C . 25.21 -13.87 2.72
HCF3 23Y C . 23.98 -14.20 0.36
HOF3 23Y C . 23.23 -15.89 2.51
HCF4 23Y C . 21.31 -15.10 1.61
HOF4 23Y C . 22.47 -15.31 -0.98
HF61 23Y C . 19.59 -14.26 -0.86
HF62 23Y C . 19.37 -12.55 -0.48
HCF6 23Y C . 19.31 -14.65 1.44
N ASP A 1 -1.98 33.81 6.74
CA ASP A 1 -1.39 32.63 7.41
C ASP A 1 -0.13 32.13 6.64
N ALA A 2 1.03 32.06 7.31
CA ALA A 2 2.29 31.59 6.68
C ALA A 2 2.45 30.05 6.48
N GLU A 3 2.12 29.22 7.48
CA GLU A 3 2.18 27.74 7.38
C GLU A 3 0.83 27.16 6.81
N PHE A 4 0.93 26.43 5.67
CA PHE A 4 -0.27 25.82 5.02
C PHE A 4 -0.56 24.41 5.64
N ARG A 5 -1.77 24.21 6.18
CA ARG A 5 -2.21 22.89 6.73
C ARG A 5 -2.79 21.99 5.60
N HIS A 6 -2.19 20.80 5.40
CA HIS A 6 -2.68 19.80 4.42
C HIS A 6 -2.87 18.44 5.15
N ASP A 7 -4.13 17.97 5.23
CA ASP A 7 -4.49 16.68 5.89
C ASP A 7 -5.55 15.95 4.99
N SER A 8 -5.17 14.78 4.44
CA SER A 8 -6.08 13.98 3.60
C SER A 8 -6.93 12.99 4.45
N GLY A 9 -8.26 13.06 4.30
CA GLY A 9 -9.20 12.11 4.97
C GLY A 9 -9.49 10.86 4.12
N TYR A 10 -9.11 9.68 4.64
CA TYR A 10 -9.38 8.39 3.94
C TYR A 10 -10.82 7.86 4.23
N GLU A 11 -11.79 8.26 3.38
CA GLU A 11 -13.21 7.83 3.51
C GLU A 11 -13.55 6.76 2.42
N VAL A 12 -13.28 5.48 2.73
CA VAL A 12 -13.59 4.33 1.84
C VAL A 12 -14.00 3.13 2.75
N HIS A 13 -15.31 2.79 2.79
CA HIS A 13 -15.82 1.68 3.65
C HIS A 13 -15.69 0.27 2.98
N HIS A 14 -16.25 0.07 1.76
CA HIS A 14 -16.13 -1.21 1.02
C HIS A 14 -14.82 -1.23 0.15
N GLN A 15 -14.00 -2.27 0.33
CA GLN A 15 -12.77 -2.48 -0.48
C GLN A 15 -13.11 -3.37 -1.72
N LYS A 16 -13.44 -2.73 -2.87
CA LYS A 16 -13.69 -3.45 -4.15
C LYS A 16 -12.36 -3.54 -4.99
N LEU A 17 -11.42 -4.36 -4.49
CA LEU A 17 -10.06 -4.57 -5.08
C LEU A 17 -9.53 -5.87 -4.40
N VAL A 18 -9.10 -6.87 -5.20
CA VAL A 18 -8.54 -8.14 -4.65
C VAL A 18 -7.16 -7.92 -3.93
N PHE A 19 -7.20 -7.77 -2.59
CA PHE A 19 -5.99 -7.47 -1.78
C PHE A 19 -5.15 -8.77 -1.56
N PHE A 20 -3.97 -8.82 -2.16
CA PHE A 20 -3.05 -9.97 -2.01
C PHE A 20 -2.12 -9.76 -0.77
N ALA A 21 -2.29 -10.58 0.28
CA ALA A 21 -1.33 -10.64 1.42
C ALA A 21 -0.16 -11.63 1.15
N GLU A 22 0.69 -11.28 0.16
CA GLU A 22 1.87 -12.08 -0.25
C GLU A 22 3.18 -11.33 0.13
N ASP A 23 4.21 -12.07 0.59
CA ASP A 23 5.55 -11.49 0.88
C ASP A 23 6.37 -11.29 -0.45
N VAL A 24 6.17 -10.12 -1.08
CA VAL A 24 6.81 -9.75 -2.38
C VAL A 24 8.21 -9.09 -2.17
N GLY A 25 9.13 -9.30 -3.13
CA GLY A 25 10.48 -8.69 -3.08
C GLY A 25 10.53 -7.21 -3.53
N SER A 26 11.01 -6.34 -2.65
CA SER A 26 11.11 -4.88 -2.93
C SER A 26 12.28 -4.51 -3.91
N ASN A 27 12.17 -3.37 -4.61
CA ASN A 27 13.22 -2.90 -5.57
C ASN A 27 14.56 -2.52 -4.84
N LYS A 28 15.52 -3.46 -4.83
CA LYS A 28 16.84 -3.29 -4.15
C LYS A 28 17.86 -2.55 -5.09
N GLY A 29 18.75 -1.72 -4.51
CA GLY A 29 19.74 -0.95 -5.30
C GLY A 29 20.88 -1.76 -5.96
N ALA A 30 21.83 -2.26 -5.16
CA ALA A 30 22.97 -3.08 -5.66
C ALA A 30 23.01 -4.50 -5.00
N ILE A 31 22.03 -5.34 -5.37
CA ILE A 31 21.96 -6.78 -4.95
C ILE A 31 21.36 -7.49 -6.21
N ILE A 32 22.19 -8.18 -7.02
CA ILE A 32 21.73 -8.87 -8.27
C ILE A 32 22.33 -10.31 -8.37
N GLY A 33 21.51 -11.25 -8.86
CA GLY A 33 21.94 -12.66 -9.09
C GLY A 33 20.93 -13.45 -9.96
N LEU A 34 20.85 -13.10 -11.26
CA LEU A 34 19.91 -13.74 -12.23
C LEU A 34 20.72 -14.09 -13.51
N MET A 35 20.75 -15.39 -13.88
CA MET A 35 21.43 -15.86 -15.12
C MET A 35 20.47 -15.76 -16.34
N VAL A 36 20.82 -14.94 -17.34
CA VAL A 36 20.02 -14.79 -18.60
C VAL A 36 20.70 -15.71 -19.68
N GLY A 37 20.07 -16.85 -19.98
CA GLY A 37 20.68 -17.88 -20.87
C GLY A 37 21.49 -18.95 -20.12
N GLY A 38 20.80 -20.01 -19.67
CA GLY A 38 21.46 -21.11 -18.93
C GLY A 38 20.42 -22.10 -18.36
N VAL A 39 20.01 -21.86 -17.10
CA VAL A 39 18.92 -22.63 -16.44
C VAL A 39 18.07 -21.54 -15.70
N VAL A 40 16.90 -21.18 -16.26
CA VAL A 40 15.98 -20.16 -15.67
C VAL A 40 14.94 -20.84 -14.75
CG1 23Y B . -4.72 1.70 3.23
CG9 23Y B . -3.71 2.13 2.36
CG8 23Y B . -2.83 3.15 2.75
OG2 23Y B . -5.64 0.71 2.99
CG3 23Y B . -6.31 0.45 4.26
CG5 23Y B . -4.87 2.31 4.52
CG6 23Y B . -3.99 3.39 4.90
CG7 23Y B . -2.99 3.76 4.00
CG4 23Y B . -6.08 1.67 5.20
CB1 23Y B . -8.59 0.62 3.06
CB2 23Y B . -9.92 0.25 2.90
CB3 23Y B . -10.49 -0.68 3.77
OB3 23Y B . -11.80 -1.04 3.62
CB4 23Y B . -9.72 -1.25 4.78
CB5 23Y B . -8.39 -0.88 4.93
CB6 23Y B . -7.81 0.06 4.08
CC1 23Y B . -7.08 1.57 7.54
CC2 23Y B . -7.04 1.25 8.89
OC2 23Y B . -8.12 1.54 9.69
CC3 23Y B . -5.92 0.63 9.42
CC4 23Y B . -4.82 0.34 8.61
OC4 23Y B . -3.71 -0.26 9.14
CC5 23Y B . -4.86 0.66 7.26
CC6 23Y B . -5.99 1.29 6.70
CD1 23Y B . -4.16 4.11 6.26
CD2 23Y B . -3.39 5.07 6.80
CE1 23Y B . -4.60 6.07 10.31
CE2 23Y B . -3.73 7.12 10.60
OE2 23Y B . -3.85 7.79 11.79
CE3 23Y B . -2.75 7.47 9.69
CE4 23Y B . -2.65 6.80 8.47
CE5 23Y B . -3.53 5.76 8.16
CE6 23Y B . -4.49 5.39 9.10
CF5 23Y B . -0.50 1.27 -0.60
OF 23Y B . -1.15 1.81 0.58
CF1 23Y B . -1.41 3.25 0.64
OF1 23Y B . -1.76 3.63 2.00
CF2 23Y B . -0.18 4.10 0.20
OF2 23Y B . -0.48 4.86 -0.97
CF3 23Y B . 1.10 3.27 -0.03
OF3 23Y B . 1.62 2.91 1.25
CF4 23Y B . 0.89 1.97 -0.85
OF4 23Y B . 1.05 2.25 -2.24
CF6 23Y B . -0.39 -0.26 -0.38
OF6 23Y B . 0.13 -0.92 -1.53
HCG9 23Y B . -3.61 1.66 1.39
HCG3 23Y B . -5.80 -0.44 4.69
HCG7 23Y B . -2.28 4.53 4.25
HCG4 23Y B . -6.90 2.40 5.06
HCB1 23Y B . -8.16 1.36 2.38
HCB2 23Y B . -10.52 0.69 2.11
HOB3 23Y B . -12.23 -0.48 2.97
HCB4 23Y B . -10.17 -1.97 5.44
HCB5 23Y B . -7.81 -1.34 5.73
HCC1 23Y B . -7.97 2.02 7.13
HOC2 23Y B . -7.96 1.19 10.57
HCC3 23Y B . -5.89 0.37 10.48
HOC4 23Y B . -3.85 -0.42 10.08
HCC5 23Y B . -4.01 0.44 6.64
HCD1 23Y B . -5.01 3.78 6.85
HCD2 23Y B . -2.55 5.43 6.19
HCE1 23Y B . -5.39 5.81 11.01
HOE2 23Y B . -4.58 7.43 12.29
HCE3 23Y B . -2.07 8.27 9.93
HCE4 23Y B . -1.88 7.11 7.78
HCE6 23Y B . -5.20 4.60 8.89
HCF5 23Y B . -1.16 1.43 -1.47
HCF1 23Y B . -2.28 3.48 -0.01
HCF2 23Y B . 0.04 4.84 1.00
HOF2 23Y B . -0.76 4.24 -1.65
HCF3 23Y B . 1.86 3.90 -0.53
HOF3 23Y B . 2.39 2.35 1.09
HCF4 23Y B . 1.70 1.26 -0.59
HOF4 23Y B . 0.31 2.78 -2.52
HF61 23Y B . 0.25 -0.46 0.51
HF62 23Y B . -1.39 -0.66 -0.13
HCF6 23Y B . 0.17 -1.85 -1.33
CG1 23Y C . 24.49 -15.64 4.60
CG9 23Y C . 24.46 -16.72 3.70
CG8 23Y C . 23.78 -16.62 2.49
OG2 23Y C . 25.12 -15.59 5.81
CG3 23Y C . 25.04 -14.21 6.28
CG5 23Y C . 23.78 -14.44 4.28
CG6 23Y C . 23.03 -14.35 3.05
CG7 23Y C . 23.08 -15.44 2.18
CG4 23Y C . 23.93 -13.47 5.46
CB1 23Y C . 24.08 -15.03 8.52
CB2 23Y C . 23.93 -14.92 9.90
CB3 23Y C . 24.55 -13.88 10.58
OB3 23Y C . 24.40 -13.77 11.95
CB4 23Y C . 25.31 -12.94 9.89
CB5 23Y C . 25.46 -13.06 8.52
CB6 23Y C . 24.86 -14.10 7.82
CC1 23Y C . 25.22 -11.60 4.21
CC2 23Y C . 25.47 -10.24 3.98
OC2 23Y C . 26.39 -9.86 3.04
CC3 23Y C . 24.79 -9.26 4.71
CC4 23Y C . 23.85 -9.64 5.66
OC4 23Y C . 23.18 -8.68 6.38
CC5 23Y C . 23.59 -10.98 5.89
CC6 23Y C . 24.26 -11.98 5.16
CD1 23Y C . 22.21 -13.09 2.71
CD2 23Y C . 21.48 -12.83 1.61
CE1 23Y C . 19.83 -9.35 1.77
CE2 23Y C . 19.12 -9.34 0.57
OE2 23Y C . 18.35 -8.27 0.22
CE3 23Y C . 19.20 -10.43 -0.28
CE4 23Y C . 19.96 -11.55 0.07
CE5 23Y C . 20.67 -11.58 1.28
CE6 23Y C . 20.59 -10.45 2.13
CF5 23Y C . 26.45 -20.14 1.81
OF 23Y C . 25.74 -18.86 1.76
CF1 23Y C . 24.29 -18.93 1.58
OF1 23Y C . 23.73 -17.59 1.49
CF2 23Y C . 23.98 -19.66 0.24
OF2 23Y C . 22.59 -19.89 0.10
CF3 23Y C . 24.72 -21.01 0.14
OF3 23Y C . 24.55 -21.53 -1.17
CF4 23Y C . 26.24 -20.89 0.46
OF4 23Y C . 26.82 -22.18 0.53
CF6 23Y C . 27.93 -19.83 2.11
OF6 23Y C . 28.06 -19.22 3.39
HCG9 23Y C . 25.00 -17.62 3.96
HCG3 23Y C . 26.03 -13.77 6.03
HCG7 23Y C . 22.56 -15.42 1.23
HCG4 23Y C . 22.97 -13.54 6.00
HCB1 23Y C . 23.60 -15.85 8.00
HCB2 23Y C . 23.34 -15.65 10.43
HOB3 23Y C . 23.85 -14.49 12.26
HCB4 23Y C . 25.79 -12.14 10.43
HCB5 23Y C . 26.07 -12.31 8.00
HCC1 23Y C . 25.75 -12.34 3.65
HOC2 23Y C . 26.76 -10.65 2.63
HCC3 23Y C . 25.00 -8.22 4.51
HOC4 23Y C . 23.49 -7.82 6.11
HCC5 23Y C . 22.86 -11.26 6.64
HCD1 23Y C . 22.22 -12.31 3.47
HCD2 23Y C . 21.46 -13.60 0.84
HCE1 23Y C . 19.77 -8.49 2.43
HOE2 23Y C . 18.05 -8.44 -0.67
HCE3 23Y C . 18.66 -10.44 -1.22
HCE4 23Y C . 20.00 -12.38 -0.61
HCE6 23Y C . 21.12 -10.43 3.07
HCF5 23Y C . 26.06 -20.75 2.65
HCF1 23Y C . 23.82 -19.48 2.42
HCF2 23Y C . 24.33 -19.00 -0.58
HOF2 23Y C . 22.49 -20.43 -0.69
HCF3 23Y C . 24.26 -21.73 0.86
HOF3 23Y C . 25.09 -20.98 -1.76
HCF4 23Y C . 26.74 -20.32 -0.34
HOF4 23Y C . 26.34 -22.69 1.19
HF61 23Y C . 28.36 -19.18 1.33
HF62 23Y C . 28.53 -20.78 2.09
HCF6 23Y C . 28.99 -18.99 3.50
N ASP A 1 -18.30 13.96 21.59
CA ASP A 1 -17.82 14.94 22.59
C ASP A 1 -16.31 14.76 23.00
N ALA A 2 -15.87 13.58 23.48
CA ALA A 2 -14.46 13.36 23.90
C ALA A 2 -13.41 13.18 22.74
N GLU A 3 -13.69 12.33 21.73
CA GLU A 3 -12.78 12.16 20.56
C GLU A 3 -13.00 13.26 19.46
N PHE A 4 -11.89 13.68 18.83
CA PHE A 4 -11.89 14.72 17.77
C PHE A 4 -12.25 14.12 16.37
N ARG A 5 -13.25 14.72 15.69
CA ARG A 5 -13.63 14.30 14.31
C ARG A 5 -12.78 15.08 13.25
N HIS A 6 -12.06 14.35 12.39
CA HIS A 6 -11.24 14.94 11.30
C HIS A 6 -12.09 15.06 9.98
N ASP A 7 -12.12 16.25 9.38
CA ASP A 7 -12.90 16.50 8.13
C ASP A 7 -12.19 16.04 6.82
N SER A 8 -10.92 16.45 6.57
CA SER A 8 -10.13 15.97 5.41
C SER A 8 -9.37 14.64 5.72
N GLY A 9 -9.59 13.61 4.89
CA GLY A 9 -8.91 12.31 5.06
C GLY A 9 -9.35 11.22 4.07
N TYR A 10 -8.93 9.98 4.35
CA TYR A 10 -9.32 8.79 3.55
C TYR A 10 -10.57 8.11 4.18
N GLU A 11 -11.69 8.13 3.44
CA GLU A 11 -12.96 7.50 3.87
C GLU A 11 -13.41 6.50 2.75
N VAL A 12 -12.97 5.24 2.87
CA VAL A 12 -13.29 4.16 1.88
C VAL A 12 -13.79 2.91 2.68
N HIS A 13 -15.12 2.77 2.86
CA HIS A 13 -15.71 1.67 3.68
C HIS A 13 -15.76 0.27 2.97
N HIS A 14 -16.32 0.19 1.75
CA HIS A 14 -16.37 -1.08 0.96
C HIS A 14 -15.09 -1.19 0.07
N GLN A 15 -14.34 -2.30 0.23
CA GLN A 15 -13.15 -2.60 -0.62
C GLN A 15 -13.58 -3.26 -1.96
N LYS A 16 -13.20 -2.65 -3.10
CA LYS A 16 -13.41 -3.27 -4.45
C LYS A 16 -12.20 -4.21 -4.84
N LEU A 17 -12.08 -5.30 -4.07
CA LEU A 17 -11.00 -6.34 -4.14
C LEU A 17 -11.32 -7.40 -3.04
N VAL A 18 -11.02 -8.69 -3.27
CA VAL A 18 -11.28 -9.77 -2.25
C VAL A 18 -10.44 -9.57 -0.94
N PHE A 19 -11.10 -9.03 0.10
CA PHE A 19 -10.46 -8.66 1.39
C PHE A 19 -10.04 -9.87 2.27
N PHE A 20 -8.83 -9.82 2.82
CA PHE A 20 -8.31 -10.87 3.76
C PHE A 20 -7.55 -10.14 4.90
N ALA A 21 -8.02 -10.30 6.15
CA ALA A 21 -7.29 -9.76 7.33
C ALA A 21 -6.17 -10.73 7.83
N GLU A 22 -5.02 -10.72 7.13
CA GLU A 22 -3.84 -11.57 7.45
C GLU A 22 -2.53 -10.82 7.07
N ASP A 23 -1.50 -10.92 7.92
CA ASP A 23 -0.16 -10.30 7.67
C ASP A 23 0.68 -11.21 6.71
N VAL A 24 0.58 -10.92 5.40
CA VAL A 24 1.31 -11.67 4.34
C VAL A 24 1.87 -10.62 3.33
N GLY A 25 3.13 -10.19 3.55
CA GLY A 25 3.78 -9.14 2.71
C GLY A 25 4.95 -9.69 1.89
N SER A 26 4.64 -10.25 0.72
CA SER A 26 5.67 -10.86 -0.20
C SER A 26 5.65 -10.32 -1.68
N ASN A 27 5.17 -9.09 -1.90
CA ASN A 27 5.23 -8.36 -3.19
C ASN A 27 5.18 -6.85 -2.82
N LYS A 28 6.37 -6.23 -2.62
CA LYS A 28 6.48 -4.80 -2.21
C LYS A 28 7.80 -4.18 -2.76
N GLY A 29 7.73 -2.92 -3.24
CA GLY A 29 8.92 -2.20 -3.76
C GLY A 29 9.82 -1.61 -2.66
N ALA A 30 10.73 -2.45 -2.13
CA ALA A 30 11.64 -2.06 -1.03
C ALA A 30 12.85 -1.18 -1.48
N ILE A 31 13.12 -0.09 -0.76
CA ILE A 31 14.31 0.77 -1.01
C ILE A 31 15.56 0.21 -0.24
N ILE A 32 16.59 -0.27 -0.96
CA ILE A 32 17.84 -0.80 -0.34
C ILE A 32 18.85 0.35 0.00
N GLY A 33 19.53 0.22 1.15
CA GLY A 33 20.52 1.23 1.62
C GLY A 33 21.23 0.76 2.89
N LEU A 34 22.28 -0.06 2.73
CA LEU A 34 23.08 -0.58 3.87
C LEU A 34 24.05 0.52 4.46
N MET A 35 24.13 0.62 5.81
CA MET A 35 25.07 1.54 6.49
C MET A 35 26.40 0.79 6.81
N VAL A 36 27.51 1.25 6.20
CA VAL A 36 28.87 0.69 6.45
C VAL A 36 29.79 1.95 6.56
N GLY A 37 30.18 2.35 7.79
CA GLY A 37 31.02 3.55 8.01
C GLY A 37 32.53 3.25 7.94
N GLY A 38 33.11 2.84 9.09
CA GLY A 38 34.54 2.47 9.16
C GLY A 38 35.05 2.11 10.57
N VAL A 39 36.31 1.66 10.62
CA VAL A 39 37.03 1.43 11.91
C VAL A 39 37.86 2.70 12.27
N VAL A 40 37.46 3.42 13.34
CA VAL A 40 38.19 4.62 13.84
C VAL A 40 39.17 4.22 14.98
CG1 23Y B . -2.86 0.95 0.44
CG9 23Y B . -1.55 0.62 0.07
CG8 23Y B . -0.48 1.36 0.54
OG2 23Y B . -4.01 0.30 0.04
CG3 23Y B . -5.11 0.86 0.82
CG5 23Y B . -3.10 2.06 1.29
CG6 23Y B . -1.99 2.87 1.76
CG7 23Y B . -0.70 2.46 1.38
CG4 23Y B . -4.61 2.21 1.44
CB1 23Y B . -7.65 0.72 0.62
CB2 23Y B . -8.83 0.80 -0.11
CB3 23Y B . -8.80 1.12 -1.46
OB3 23Y B . -9.96 1.20 -2.17
CB4 23Y B . -7.59 1.36 -2.09
CB5 23Y B . -6.40 1.29 -1.37
CB6 23Y B . -6.42 0.96 0.00
CC1 23Y B . -4.76 1.80 4.00
CC2 23Y B . -5.32 2.08 5.24
OC2 23Y B . -4.86 1.43 6.36
CC3 23Y B . -6.33 3.03 5.37
CC4 23Y B . -6.80 3.70 4.24
OC4 23Y B . -7.81 4.62 4.36
CC5 23Y B . -6.24 3.43 2.98
CC6 23Y B . -5.21 2.48 2.86
CD1 23Y B . -2.25 4.12 2.62
CD2 23Y B . -1.36 4.97 3.18
CE1 23Y B . -3.10 7.72 5.24
CE2 23Y B . -2.00 8.46 5.67
OE2 23Y B . -2.16 9.56 6.46
CE3 23Y B . -0.72 8.06 5.31
CE4 23Y B . -0.53 6.94 4.50
CE5 23Y B . -1.63 6.19 4.05
CE6 23Y B . -2.92 6.61 4.43
CF5 23Y B . 3.45 3.48 0.32
OF 23Y B . 2.17 2.84 0.07
CF1 23Y B . 2.06 1.43 0.46
OF1 23Y B . 0.76 0.91 0.08
CF2 23Y B . 3.14 0.59 -0.27
OF2 23Y B . 3.16 -0.74 0.24
CF3 23Y B . 4.56 1.22 -0.11
OF3 23Y B . 5.46 0.52 -0.98
CF4 23Y B . 4.59 2.73 -0.43
OF4 23Y B . 5.86 3.27 -0.04
CF6 23Y B . 3.32 4.97 -0.08
OF6 23Y B . 2.92 5.14 -1.44
HCG9 23Y B . -1.39 -0.22 -0.59
HCG3 23Y B . -5.27 0.13 1.63
HCG7 23Y B . 0.16 3.03 1.71
HCG4 23Y B . -4.90 3.04 0.76
HCB1 23Y B . -7.69 0.47 1.67
HCB2 23Y B . -9.77 0.61 0.39
HOB3 23Y B . -10.70 1.04 -1.58
HCB4 23Y B . -7.56 1.62 -3.13
HCB5 23Y B . -5.46 1.47 -1.87
HCC1 23Y B . -3.98 1.07 3.93
HOC2 23Y B . -5.34 1.75 7.13
HCC3 23Y B . -6.77 3.26 6.33
HOC4 23Y B . -8.01 4.94 3.49
HCC5 23Y B . -6.62 3.95 2.11
HCD1 23Y B . -3.30 4.35 2.80
HCD2 23Y B . -0.31 4.76 2.99
HCE1 23Y B . -4.09 8.02 5.53
HOE2 23Y B . -3.10 9.69 6.63
HCE3 23Y B . 0.13 8.63 5.65
HCE4 23Y B . 0.48 6.66 4.23
HCE6 23Y B . -3.80 6.06 4.12
HCF5 23Y B . 3.68 3.45 1.40
HCF1 23Y B . 2.20 1.34 1.56
HCF2 23Y B . 2.90 0.57 -1.35
HOF2 23Y B . 2.29 -1.10 0.05
HCF3 23Y B . 4.88 1.07 0.94
HOF3 23Y B . 6.32 0.92 -0.86
HCF4 23Y B . 4.45 2.86 -1.52
HOF4 23Y B . 6.51 2.97 -0.68
HF61 23Y B . 4.28 5.50 0.10
HF62 23Y B . 2.58 5.46 0.58
HCF6 23Y B . 3.54 4.66 -1.98
CG1 23Y C . 12.92 3.35 9.30
CG9 23Y C . 12.04 4.37 9.67
CG8 23Y C . 10.87 4.61 8.93
OG2 23Y C . 14.10 3.01 9.93
CG3 23Y C . 14.55 1.77 9.32
CG5 23Y C . 12.64 2.56 8.14
CG6 23Y C . 11.47 2.83 7.35
CG7 23Y C . 10.62 3.84 7.79
CG4 23Y C . 13.80 1.59 7.95
CB1 23Y C . 16.87 2.83 8.95
CB2 23Y C . 18.25 2.73 8.87
CB3 23Y C . 18.88 1.51 9.05
OB3 23Y C . 20.24 1.41 8.98
CB4 23Y C . 18.13 0.36 9.29
CB5 23Y C . 16.74 0.45 9.39
CB6 23Y C . 16.10 1.68 9.21
CC1 23Y C . 12.49 -0.63 8.26
CC2 23Y C . 12.24 -1.95 7.91
OC2 23Y C . 11.22 -2.64 8.53
CC3 23Y C . 13.01 -2.57 6.94
CC4 23Y C . 14.03 -1.87 6.31
OC4 23Y C . 14.79 -2.49 5.35
CC5 23Y C . 14.27 -0.54 6.64
CC6 23Y C . 13.50 0.10 7.62
CD1 23Y C . 11.19 2.02 6.07
CD2 23Y C . 10.12 2.12 5.24
CE1 23Y C . 10.32 -0.46 2.38
CE2 23Y C . 9.14 -0.17 1.69
OE2 23Y C . 8.79 -0.92 0.60
CE3 23Y C . 8.31 0.86 2.13
CE4 23Y C . 8.65 1.59 3.26
CE5 23Y C . 9.83 1.31 3.98
CE6 23Y C . 10.66 0.28 3.51
CF5 23Y C . 9.59 6.34 12.84
OF 23Y C . 9.92 5.68 11.60
CF1 23Y C . 9.88 6.46 10.35
OF1 23Y C . 9.89 5.55 9.22
CF2 23Y C . 8.60 7.35 10.25
OF2 23Y C . 8.94 8.73 10.26
CF3 23Y C . 7.55 7.07 11.36
OF3 23Y C . 6.91 5.83 11.06
CF4 23Y C . 8.14 6.96 12.79
OF4 23Y C . 8.14 8.23 13.42
CF6 23Y C . 9.74 5.31 13.98
OF6 23Y C . 11.07 4.82 14.05
HCG9 23Y C . 12.26 4.97 10.55
HCG3 23Y C . 14.22 0.97 10.02
HCG7 23Y C . 9.70 4.06 7.26
HCG4 23Y C . 14.42 2.03 7.15
HCB1 23Y C . 16.39 3.78 8.81
HCB2 23Y C . 18.83 3.63 8.68
HOB3 23Y C . 20.61 2.28 8.75
HCB4 23Y C . 18.62 -0.59 9.43
HCB5 23Y C . 16.17 -0.45 9.58
HCC1 23Y C . 11.87 -0.16 9.01
HOC2 23Y C . 11.22 -3.54 8.21
HCC3 23Y C . 12.83 -3.61 6.67
HOC4 23Y C . 15.46 -1.88 5.03
HCC5 23Y C . 15.07 -0.01 6.15
HCD1 23Y C . 11.94 1.29 5.80
HCD2 23Y C . 9.37 2.86 5.49
HCE1 23Y C . 10.96 -1.26 2.04
HOE2 23Y C . 8.02 -0.54 0.19
HCE3 23Y C . 7.40 1.09 1.60
HCE4 23Y C . 7.99 2.37 3.60
HCE6 23Y C . 11.58 0.02 4.04
HCF5 23Y C . 10.31 7.15 13.02
HCF1 23Y C . 10.78 7.10 10.29
HCF2 23Y C . 8.12 7.16 9.26
HOF2 23Y C . 9.47 8.88 11.04
HCF3 23Y C . 6.77 7.86 11.34
HOF3 23Y C . 6.58 5.89 10.16
HCF4 23Y C . 7.44 6.32 13.37
HOF4 23Y C . 8.71 8.81 12.92
HF61 23Y C . 9.04 4.47 13.81
HF62 23Y C . 9.45 5.75 14.95
HCF6 23Y C . 11.66 5.57 14.13
N ASP A 1 6.86 6.81 24.65
CA ASP A 1 5.79 7.71 24.15
C ASP A 1 5.39 7.33 22.69
N ALA A 2 4.10 7.02 22.46
CA ALA A 2 3.59 6.70 21.11
C ALA A 2 3.19 7.98 20.30
N GLU A 3 3.67 8.06 19.05
CA GLU A 3 3.32 9.17 18.11
C GLU A 3 2.08 8.76 17.25
N PHE A 4 0.96 9.47 17.43
CA PHE A 4 -0.30 9.20 16.68
C PHE A 4 -0.35 10.05 15.38
N ARG A 5 -0.42 9.39 14.22
CA ARG A 5 -0.50 10.08 12.90
C ARG A 5 -1.99 10.31 12.52
N HIS A 6 -2.40 11.59 12.40
CA HIS A 6 -3.78 11.97 12.01
C HIS A 6 -3.92 12.05 10.46
N ASP A 7 -4.89 11.33 9.88
CA ASP A 7 -5.16 11.35 8.42
C ASP A 7 -6.04 12.58 7.99
N SER A 8 -5.66 13.23 6.88
CA SER A 8 -6.38 14.44 6.37
C SER A 8 -7.76 14.20 5.67
N GLY A 9 -7.95 13.07 4.98
CA GLY A 9 -9.24 12.72 4.33
C GLY A 9 -9.22 11.30 3.75
N TYR A 10 -9.56 10.31 4.59
CA TYR A 10 -9.62 8.88 4.19
C TYR A 10 -11.03 8.34 4.57
N GLU A 11 -11.89 8.15 3.56
CA GLU A 11 -13.26 7.59 3.74
C GLU A 11 -13.47 6.52 2.63
N VAL A 12 -13.16 5.26 2.94
CA VAL A 12 -13.39 4.10 2.02
C VAL A 12 -13.86 2.90 2.90
N HIS A 13 -15.18 2.60 2.88
CA HIS A 13 -15.77 1.51 3.71
C HIS A 13 -15.73 0.11 3.01
N HIS A 14 -16.32 -0.03 1.80
CA HIS A 14 -16.25 -1.30 1.01
C HIS A 14 -15.02 -1.27 0.05
N GLN A 15 -14.17 -2.31 0.14
CA GLN A 15 -12.99 -2.47 -0.77
C GLN A 15 -13.41 -3.32 -2.02
N LYS A 16 -13.37 -2.72 -3.23
CA LYS A 16 -13.58 -3.48 -4.50
C LYS A 16 -12.21 -4.02 -5.06
N LEU A 17 -11.64 -5.00 -4.33
CA LEU A 17 -10.34 -5.67 -4.60
C LEU A 17 -10.13 -6.74 -3.47
N VAL A 18 -9.50 -7.89 -3.81
CA VAL A 18 -9.24 -8.97 -2.81
C VAL A 18 -8.12 -8.56 -1.78
N PHE A 19 -8.56 -7.97 -0.65
CA PHE A 19 -7.65 -7.42 0.39
C PHE A 19 -7.12 -8.57 1.31
N PHE A 20 -5.79 -8.69 1.40
CA PHE A 20 -5.14 -9.68 2.31
C PHE A 20 -4.81 -8.98 3.66
N ALA A 21 -5.41 -9.45 4.76
CA ALA A 21 -5.07 -8.93 6.12
C ALA A 21 -3.77 -9.56 6.72
N GLU A 22 -2.63 -9.21 6.11
CA GLU A 22 -1.27 -9.65 6.52
C GLU A 22 -0.22 -8.61 6.00
N ASP A 23 0.88 -8.41 6.75
CA ASP A 23 1.97 -7.46 6.36
C ASP A 23 2.85 -8.05 5.19
N VAL A 24 2.39 -7.80 3.95
CA VAL A 24 3.05 -8.32 2.72
C VAL A 24 3.94 -7.18 2.12
N GLY A 25 5.25 -7.25 2.39
CA GLY A 25 6.19 -6.16 2.01
C GLY A 25 7.65 -6.52 2.28
N SER A 26 8.24 -7.31 1.37
CA SER A 26 9.67 -7.73 1.45
C SER A 26 10.45 -7.27 0.17
N ASN A 27 11.80 -7.39 0.19
CA ASN A 27 12.65 -7.09 -1.00
C ASN A 27 12.46 -8.18 -2.12
N LYS A 28 11.49 -7.92 -3.01
CA LYS A 28 10.99 -8.91 -4.01
C LYS A 28 11.34 -8.44 -5.47
N GLY A 29 10.83 -7.27 -5.93
CA GLY A 29 11.22 -6.69 -7.24
C GLY A 29 12.44 -5.74 -7.17
N ALA A 30 13.65 -6.31 -7.31
CA ALA A 30 14.90 -5.54 -7.30
C ALA A 30 15.29 -5.02 -8.72
N ILE A 31 15.50 -3.69 -8.83
CA ILE A 31 15.93 -3.04 -10.11
C ILE A 31 17.08 -2.08 -9.67
N ILE A 32 18.36 -2.49 -9.86
CA ILE A 32 19.55 -1.67 -9.45
C ILE A 32 19.88 -0.56 -10.50
N GLY A 33 20.23 0.66 -10.02
CA GLY A 33 20.58 1.80 -10.90
C GLY A 33 22.07 1.85 -11.30
N LEU A 34 22.92 2.38 -10.40
CA LEU A 34 24.40 2.43 -10.62
C LEU A 34 25.05 1.14 -10.02
N MET A 35 25.71 0.34 -10.88
CA MET A 35 26.43 -0.88 -10.44
C MET A 35 27.91 -0.53 -10.10
N VAL A 36 28.29 -0.65 -8.81
CA VAL A 36 29.70 -0.41 -8.36
C VAL A 36 30.32 -1.82 -8.13
N GLY A 37 31.19 -2.25 -9.07
CA GLY A 37 31.80 -3.60 -9.01
C GLY A 37 32.95 -3.76 -10.02
N GLY A 38 32.61 -4.17 -11.25
CA GLY A 38 33.61 -4.32 -12.34
C GLY A 38 32.95 -4.69 -13.67
N VAL A 39 32.47 -3.69 -14.42
CA VAL A 39 31.89 -3.88 -15.78
C VAL A 39 32.36 -2.68 -16.67
N VAL A 40 33.25 -2.94 -17.63
CA VAL A 40 33.73 -1.91 -18.60
C VAL A 40 33.88 -2.59 -19.99
CG1 23Y B . -3.77 1.48 0.13
CG9 23Y B . -3.45 1.40 -1.24
CG8 23Y B . -3.06 2.54 -1.94
OG2 23Y B . -4.17 0.44 0.92
CG3 23Y B . -4.18 0.93 2.29
CG5 23Y B . -3.70 2.73 0.80
CG6 23Y B . -3.34 3.92 0.08
CG7 23Y B . -3.01 3.78 -1.29
CG4 23Y B . -4.17 2.50 2.24
CB1 23Y B . -6.59 0.05 2.56
CB2 23Y B . -7.62 -0.48 3.34
CB3 23Y B . -7.41 -0.74 4.69
OB3 23Y B . -8.40 -1.29 5.44
CB4 23Y B . -6.16 -0.47 5.26
CB5 23Y B . -5.13 0.06 4.49
CB6 23Y B . -5.34 0.33 3.13
CC1 23Y B . -4.09 3.74 4.46
CC2 23Y B . -3.41 4.33 5.53
OC2 23Y B . -4.10 4.91 6.56
CC3 23Y B . -2.02 4.33 5.55
CC4 23Y B . -1.30 3.76 4.50
OC4 23Y B . 0.07 3.78 4.51
CC5 23Y B . -1.97 3.17 3.44
CC6 23Y B . -3.38 3.15 3.40
CD1 23Y B . -3.35 5.30 0.77
CD2 23Y B . -3.02 6.50 0.28
CE1 23Y B . -3.33 9.28 2.95
CE2 23Y B . -2.96 10.40 2.20
OE2 23Y B . -2.92 11.63 2.77
CE3 23Y B . -2.62 10.25 0.86
CE4 23Y B . -2.64 9.00 0.26
CE5 23Y B . -3.02 7.87 1.00
CE6 23Y B . -3.36 8.02 2.35
CF5 23Y B . -3.11 5.34 -5.44
OF 23Y B . -3.35 4.32 -4.42
CF1 23Y B . -2.33 3.29 -4.26
OF1 23Y B . -2.77 2.30 -3.29
CF2 23Y B . -2.08 2.56 -5.62
OF2 23Y B . -0.96 1.67 -5.53
CF3 23Y B . -1.82 3.58 -6.76
OF3 23Y B . -1.80 2.90 -8.00
CF4 23Y B . -2.92 4.67 -6.82
OF4 23Y B . -2.53 5.64 -7.80
CF6 23Y B . -4.25 6.36 -5.38
OF6 23Y B . -5.53 5.76 -5.61
HCG9 23Y B . -3.50 0.45 -1.73
HCG3 23Y B . -3.22 0.58 2.73
HCG7 23Y B . -2.72 4.64 -1.87
HCG4 23Y B . -5.22 2.87 2.25
HCB1 23Y B . -6.75 0.25 1.51
HCB2 23Y B . -8.57 -0.70 2.88
HOB3 23Y B . -9.17 -1.45 4.88
HCB4 23Y B . -6.00 -0.69 6.31
HCB5 23Y B . -4.19 0.27 4.96
HCC1 23Y B . -5.16 3.72 4.47
HOC2 23Y B . -5.04 4.80 6.41
HCC3 23Y B . -1.50 4.76 6.39
HOC4 23Y B . 0.37 4.20 5.31
HCC5 23Y B . -1.40 2.72 2.64
HCD1 23Y B . -3.67 5.28 1.81
HCD2 23Y B . -2.70 6.54 -0.76
HCE1 23Y B . -3.61 9.40 3.98
HOE2 23Y B . -3.23 11.57 3.67
HCE3 23Y B . -2.32 11.13 0.28
HCE4 23Y B . -2.37 8.91 -0.78
HCE6 23Y B . -3.66 7.18 2.95
HCF5 23Y B . -2.16 5.88 -5.18
HCF1 23Y B . -1.39 3.75 -3.90
HCF2 23Y B . -2.99 1.98 -5.86
HOF2 23Y B . -0.19 2.19 -5.31
HCF3 23Y B . -0.84 4.07 -6.60
HOF3 23Y B . -1.23 2.13 -7.87
HCF4 23Y B . -3.87 4.20 -7.13
HOF4 23Y B . -2.32 5.13 -8.58
HF61 23Y B . -4.09 7.17 -6.13
HF62 23Y B . -4.26 6.86 -4.39
HCF6 23Y B . -5.47 5.28 -6.44
CG1 23Y C . 6.79 -4.31 -14.35
CG9 23Y C . 6.92 -5.67 -14.70
CG8 23Y C . 7.10 -6.63 -13.71
OG2 23Y C . 6.64 -3.27 -15.23
CG3 23Y C . 6.34 -2.09 -14.42
CG5 23Y C . 6.85 -3.92 -12.99
CG6 23Y C . 7.06 -4.90 -11.95
CG7 23Y C . 7.16 -6.25 -12.36
CG4 23Y C . 6.75 -2.39 -12.94
CB1 23Y C . 8.22 -0.83 -15.65
CB2 23Y C . 8.76 0.33 -16.18
CB3 23Y C . 8.07 1.54 -16.09
OB3 23Y C . 8.60 2.68 -16.61
CB4 23Y C . 6.83 1.58 -15.45
CB5 23Y C . 6.28 0.41 -14.92
CB6 23Y C . 6.97 -0.80 -15.02
CC1 23Y C . 6.26 -0.59 -11.21
CC2 23Y C . 5.46 0.03 -10.26
OC2 23Y C . 5.91 1.14 -9.60
CC3 23Y C . 4.18 -0.46 -10.00
CC4 23Y C . 3.72 -1.58 -10.68
OC4 23Y C . 2.47 -2.07 -10.40
CC5 23Y C . 4.52 -2.20 -11.63
CC6 23Y C . 5.81 -1.72 -11.90
CD1 23Y C . 7.20 -4.47 -10.48
CD2 23Y C . 7.37 -5.24 -9.39
CE1 23Y C . 7.55 -3.13 -6.16
CE2 23Y C . 7.73 -4.13 -5.21
OE2 23Y C . 7.87 -3.79 -3.88
CE3 23Y C . 7.80 -5.45 -5.59
CE4 23Y C . 7.67 -5.80 -6.94
CE5 23Y C . 7.49 -4.81 -7.91
CE6 23Y C . 7.42 -3.47 -7.51
CF5 23Y C . 8.93 -10.27 -11.83
OF 23Y C . 8.60 -9.09 -12.63
CF1 23Y C . 7.37 -9.15 -13.41
OF1 23Y C . 7.21 -7.93 -14.20
CF2 23Y C . 7.41 -10.35 -14.38
OF2 23Y C . 6.14 -10.52 -15.01
CF3 23Y C . 7.80 -11.67 -13.66
OF3 23Y C . 8.05 -12.69 -14.60
CF4 23Y C . 9.06 -11.50 -12.77
OF4 23Y C . 9.24 -12.70 -12.02
CF6 23Y C . 10.21 -9.93 -11.05
OF6 23Y C . 10.52 -10.94 -10.10
HCG9 23Y C . 6.89 -5.95 -15.73
HCG3 23Y C . 5.24 -1.98 -14.48
HCG7 23Y C . 7.31 -7.03 -11.62
HCG4 23Y C . 7.79 -2.05 -12.78
HCB1 23Y C . 8.76 -1.76 -15.74
HCB2 23Y C . 9.72 0.30 -16.68
HOB3 23Y C . 9.45 2.48 -17.00
HCB4 23Y C . 6.29 2.52 -15.38
HCB5 23Y C . 5.31 0.47 -14.43
HCC1 23Y C . 7.25 -0.18 -11.41
HOC2 23Y C . 5.23 1.45 -9.01
HCC3 23Y C . 3.55 0.01 -9.26
HOC4 23Y C . 2.31 -2.85 -10.95
HCC5 23Y C . 4.16 -3.08 -12.15
HCD1 23Y C . 7.16 -3.41 -10.29
HCD2 23Y C . 7.44 -6.32 -9.54
HCE1 23Y C . 7.49 -2.09 -5.85
HOE2 23Y C . 7.98 -4.58 -3.37
HCE3 23Y C . 7.93 -6.23 -4.86
HCE4 23Y C . 7.73 -6.84 -7.22
HCE6 23Y C . 7.27 -2.67 -8.22
HCF5 23Y C . 8.13 -10.46 -11.10
HCF1 23Y C . 6.49 -9.26 -12.72
HCF2 23Y C . 8.17 -10.13 -15.16
HOF2 23Y C . 5.95 -9.71 -15.48
HCF3 23Y C . 6.96 -11.97 -13.01
HOF3 23Y C . 8.70 -12.36 -15.22
HCF4 23Y C . 9.95 -11.35 -13.43
HOF4 23Y C . 9.20 -13.41 -12.67
HF61 23Y C . 11.06 -9.78 -11.75
HF62 23Y C . 10.08 -8.96 -10.52
HCF6 23Y C . 11.38 -10.73 -9.72
N ASP A 1 -31.60 13.07 18.15
CA ASP A 1 -32.19 13.66 16.93
C ASP A 1 -31.14 13.80 15.77
N ALA A 2 -30.07 14.61 15.93
CA ALA A 2 -28.99 14.74 14.91
C ALA A 2 -27.89 13.62 15.04
N GLU A 3 -27.58 12.96 13.92
CA GLU A 3 -26.50 11.95 13.85
C GLU A 3 -25.73 12.15 12.51
N PHE A 4 -24.49 12.66 12.58
CA PHE A 4 -23.70 13.04 11.39
C PHE A 4 -22.21 12.69 11.66
N ARG A 5 -21.60 11.83 10.81
CA ARG A 5 -20.16 11.46 10.92
C ARG A 5 -19.47 11.54 9.53
N HIS A 6 -18.31 12.23 9.46
CA HIS A 6 -17.49 12.39 8.22
C HIS A 6 -16.01 12.10 8.56
N ASP A 7 -15.38 11.15 7.84
CA ASP A 7 -13.96 10.79 8.04
C ASP A 7 -13.03 11.68 7.15
N SER A 8 -12.03 12.34 7.76
CA SER A 8 -11.09 13.23 7.02
C SER A 8 -9.88 12.45 6.42
N GLY A 9 -9.58 12.72 5.14
CA GLY A 9 -8.46 12.02 4.43
C GLY A 9 -8.91 10.73 3.72
N TYR A 10 -8.81 9.59 4.42
CA TYR A 10 -9.31 8.29 3.91
C TYR A 10 -10.81 8.05 4.30
N GLU A 11 -11.72 8.04 3.31
CA GLU A 11 -13.16 7.75 3.54
C GLU A 11 -13.67 6.72 2.47
N VAL A 12 -13.45 5.42 2.73
CA VAL A 12 -13.92 4.32 1.85
C VAL A 12 -14.28 3.10 2.77
N HIS A 13 -15.56 2.70 2.81
CA HIS A 13 -16.02 1.55 3.66
C HIS A 13 -15.79 0.16 3.00
N HIS A 14 -16.39 -0.12 1.81
CA HIS A 14 -16.14 -1.37 1.06
C HIS A 14 -14.88 -1.26 0.15
N GLN A 15 -13.90 -2.15 0.35
CA GLN A 15 -12.66 -2.21 -0.48
C GLN A 15 -12.87 -3.21 -1.66
N LYS A 16 -13.36 -2.70 -2.81
CA LYS A 16 -13.53 -3.51 -4.06
C LYS A 16 -12.30 -3.28 -5.01
N LEU A 17 -11.14 -3.84 -4.62
CA LEU A 17 -9.84 -3.70 -5.31
C LEU A 17 -8.95 -4.85 -4.75
N VAL A 18 -8.33 -5.68 -5.61
CA VAL A 18 -7.40 -6.77 -5.15
C VAL A 18 -6.08 -6.18 -4.51
N PHE A 19 -5.98 -6.25 -3.17
CA PHE A 19 -4.85 -5.65 -2.42
C PHE A 19 -3.53 -6.49 -2.59
N PHE A 20 -2.40 -5.79 -2.83
CA PHE A 20 -1.07 -6.45 -2.94
C PHE A 20 -0.40 -6.53 -1.53
N ALA A 21 -0.17 -7.76 -1.04
CA ALA A 21 0.56 -8.00 0.23
C ALA A 21 2.10 -7.74 0.14
N GLU A 22 2.77 -7.48 1.28
CA GLU A 22 4.25 -7.22 1.31
C GLU A 22 5.16 -8.50 1.17
N ASP A 23 5.03 -9.15 0.00
CA ASP A 23 5.85 -10.30 -0.46
C ASP A 23 5.65 -10.33 -2.00
N VAL A 24 6.62 -9.76 -2.75
CA VAL A 24 6.55 -9.70 -4.24
C VAL A 24 8.01 -9.99 -4.72
N GLY A 25 8.25 -11.22 -5.20
CA GLY A 25 9.60 -11.67 -5.61
C GLY A 25 9.53 -12.72 -6.72
N SER A 26 9.41 -12.25 -7.97
CA SER A 26 9.32 -13.13 -9.17
C SER A 26 10.73 -13.47 -9.76
N ASN A 27 10.91 -14.72 -10.21
CA ASN A 27 12.18 -15.16 -10.86
C ASN A 27 12.26 -14.63 -12.34
N LYS A 28 12.80 -13.41 -12.50
CA LYS A 28 12.92 -12.73 -13.81
C LYS A 28 14.37 -12.78 -14.37
N GLY A 29 14.49 -12.94 -15.71
CA GLY A 29 15.81 -13.03 -16.38
C GLY A 29 15.72 -12.69 -17.88
N ALA A 30 15.38 -13.68 -18.71
CA ALA A 30 15.14 -13.47 -20.16
C ALA A 30 13.68 -13.02 -20.47
N ILE A 31 13.53 -11.95 -21.28
CA ILE A 31 12.20 -11.44 -21.73
C ILE A 31 12.23 -11.24 -23.29
N ILE A 32 11.37 -11.96 -24.04
CA ILE A 32 11.27 -11.80 -25.52
C ILE A 32 10.35 -10.59 -25.90
N GLY A 33 10.87 -9.63 -26.69
CA GLY A 33 10.07 -8.48 -27.16
C GLY A 33 9.27 -8.74 -28.46
N LEU A 34 8.15 -9.45 -28.35
CA LEU A 34 7.25 -9.74 -29.49
C LEU A 34 6.15 -8.64 -29.60
N MET A 35 6.19 -7.82 -30.66
CA MET A 35 5.17 -6.76 -30.91
C MET A 35 3.97 -7.35 -31.72
N VAL A 36 2.76 -7.29 -31.14
CA VAL A 36 1.51 -7.71 -31.83
C VAL A 36 0.76 -6.40 -32.23
N GLY A 37 0.84 -6.02 -33.52
CA GLY A 37 0.25 -4.76 -34.01
C GLY A 37 0.39 -4.60 -35.53
N GLY A 38 1.50 -4.02 -36.00
CA GLY A 38 1.80 -3.91 -37.45
C GLY A 38 2.53 -5.14 -38.03
N VAL A 39 1.75 -6.16 -38.43
CA VAL A 39 2.29 -7.40 -39.07
C VAL A 39 2.30 -7.22 -40.63
N VAL A 40 3.42 -6.71 -41.17
CA VAL A 40 3.60 -6.46 -42.63
C VAL A 40 5.02 -6.98 -43.02
CG1 23Y B . -4.30 -0.38 4.79
CG9 23Y B . -3.15 -1.07 5.21
CG8 23Y B . -2.84 -1.15 6.56
OG2 23Y B . -4.70 -0.21 3.48
CG3 23Y B . -6.02 0.39 3.54
CG5 23Y B . -5.15 0.24 5.75
CG6 23Y B . -4.82 0.19 7.15
CG7 23Y B . -3.67 -0.53 7.52
CG4 23Y B . -6.26 0.96 4.97
CB1 23Y B . -7.54 1.51 1.82
CB2 23Y B . -7.76 2.39 0.77
CB3 23Y B . -6.72 3.20 0.31
OB3 23Y B . -6.94 4.09 -0.71
CB4 23Y B . -5.47 3.12 0.88
CB5 23Y B . -5.23 2.22 1.92
CB6 23Y B . -6.27 1.40 2.40
CC1 23Y B . -8.27 -0.40 5.88
CC2 23Y B . -9.59 -0.48 6.32
OC2 23Y B . -10.09 -1.69 6.74
CC3 23Y B . -10.39 0.65 6.32
CC4 23Y B . -9.88 1.87 5.89
OC4 23Y B . -10.68 2.97 5.89
CC5 23Y B . -8.55 1.96 5.47
CC6 23Y B . -7.73 0.82 5.46
CD1 23Y B . -5.69 0.92 8.18
CD2 23Y B . -5.57 0.97 9.52
CE1 23Y B . -8.37 3.07 11.15
CE2 23Y B . -8.01 2.98 12.50
OE2 23Y B . -8.77 3.60 13.45
CE3 23Y B . -6.89 2.25 12.87
CE4 23Y B . -6.11 1.61 11.90
CE5 23Y B . -6.46 1.70 10.55
CE6 23Y B . -7.60 2.43 10.18
CF5 23Y B . 0.14 -0.84 9.89
OF 23Y B . -0.74 -0.82 8.73
CF1 23Y B . -1.09 -2.10 8.13
OF1 23Y B . -1.66 -1.85 6.82
CF2 23Y B . 0.15 -3.03 7.94
OF2 23Y B . 0.04 -4.17 8.80
CF3 23Y B . 1.49 -2.31 8.23
OF3 23Y B . 1.71 -1.36 7.19
CF4 23Y B . 1.50 -1.54 9.58
OF4 23Y B . 1.81 -2.46 10.61
CF6 23Y B . 0.29 0.63 10.36
OF6 23Y B . 0.81 1.47 9.33
HCG9 23Y B . -2.50 -1.52 4.47
HCG3 23Y B . -6.72 -0.47 3.39
HCG7 23Y B . -3.40 -0.61 8.55
HCG4 23Y B . -5.97 2.03 4.98
HCB1 23Y B . -8.36 0.91 2.19
HCB2 23Y B . -8.74 2.45 0.32
HOB3 23Y B . -7.86 4.02 -1.00
HCB4 23Y B . -4.67 3.75 0.52
HCB5 23Y B . -4.24 2.15 2.35
HCC1 23Y B . -7.66 -1.30 5.89
HOC2 23Y B . -11.00 -1.55 7.01
HCC3 23Y B . -11.42 0.60 6.65
HOC4 23Y B . -10.18 3.71 5.54
HCC5 23Y B . -8.16 2.90 5.13
HCD1 23Y B . -6.53 1.48 7.77
HCD2 23Y B . -4.73 0.42 9.95
HCE1 23Y B . -9.25 3.63 10.87
HOE2 23Y B . -8.39 3.45 14.30
HCE3 23Y B . -6.61 2.18 13.91
HCE4 23Y B . -5.24 1.06 12.22
HCE6 23Y B . -7.91 2.53 9.14
HCF5 23Y B . -0.36 -1.38 10.71
HCF1 23Y B . -1.85 -2.63 8.74
HCF2 23Y B . 0.18 -3.40 6.89
HOF2 23Y B . 0.22 -3.84 9.68
HCF3 23Y B . 2.33 -3.05 8.19
HOF3 23Y B . 0.92 -0.80 7.20
HCF4 23Y B . 2.32 -0.80 9.53
HOF4 23Y B . 2.69 -2.81 10.42
HF61 23Y B . 0.94 0.69 11.26
HF62 23Y B . -0.69 1.02 10.67
HCF6 23Y B . 1.66 1.10 9.06
CG1 23Y C . 16.60 -4.42 -17.28
CG9 23Y C . 17.37 -5.41 -17.92
CG8 23Y C . 16.80 -6.67 -18.18
OG2 23Y C . 17.02 -3.14 -16.96
CG3 23Y C . 15.84 -2.41 -16.50
CG5 23Y C . 15.27 -4.70 -16.87
CG6 23Y C . 14.70 -6.00 -17.09
CG7 23Y C . 15.51 -6.95 -17.77
CG4 23Y C . 14.72 -3.46 -16.16
CB1 23Y C . 17.11 -1.72 -14.37
CB2 23Y C . 17.38 -0.81 -13.35
CB3 23Y C . 16.69 0.40 -13.29
OB3 23Y C . 16.96 1.28 -12.28
CB4 23Y C . 15.73 0.70 -14.26
CB5 23Y C . 15.47 -0.21 -15.29
CB6 23Y C . 16.15 -1.42 -15.36
CC1 23Y C . 12.45 -2.56 -15.45
CC2 23Y C . 11.15 -2.11 -15.71
OC2 23Y C . 10.34 -1.72 -14.68
CC3 23Y C . 10.68 -2.07 -17.02
CC4 23Y C . 11.51 -2.46 -18.07
OC4 23Y C . 11.05 -2.43 -19.36
CC5 23Y C . 12.80 -2.90 -17.82
CC6 23Y C . 13.28 -2.96 -16.49
CD1 23Y C . 13.28 -6.35 -16.60
CD2 23Y C . 12.59 -7.50 -16.77
CE1 23Y C . 9.09 -7.28 -15.18
CE2 23Y C . 8.62 -8.56 -15.42
OE2 23Y C . 7.36 -8.92 -15.01
CE3 23Y C . 9.42 -9.48 -16.08
CE4 23Y C . 10.70 -9.13 -16.51
CE5 23Y C . 11.18 -7.83 -16.28
CE6 23Y C . 10.36 -6.91 -15.60
CF5 23Y C . 20.14 -6.58 -21.16
OF 23Y C . 18.87 -6.66 -20.45
CF1 23Y C . 18.78 -7.69 -19.41
OF1 23Y C . 17.44 -7.72 -18.84
CF2 23Y C . 19.06 -9.09 -20.02
OF2 23Y C . 19.14 -10.06 -18.97
CF3 23Y C . 20.37 -9.11 -20.84
OF3 23Y C . 20.49 -10.34 -21.53
CF4 23Y C . 20.45 -7.94 -21.86
OF4 23Y C . 21.75 -7.91 -22.44
CF6 23Y C . 20.05 -5.40 -22.15
OF6 23Y C . 18.92 -5.52 -22.99
HCG9 23Y C . 18.38 -5.19 -18.22
HCG3 23Y C . 15.51 -1.82 -17.39
HCG7 23Y C . 15.12 -7.93 -17.98
HCG4 23Y C . 14.78 -3.70 -15.08
HCB1 23Y C . 17.65 -2.65 -14.40
HCB2 23Y C . 18.11 -1.05 -12.60
HOB3 23Y C . 16.41 2.06 -12.40
HCB4 23Y C . 15.20 1.64 -14.22
HCB5 23Y C . 14.72 0.05 -16.03
HCC1 23Y C . 12.79 -2.57 -14.43
HOC2 23Y C . 9.51 -1.42 -15.03
HCC3 23Y C . 9.68 -1.72 -17.23
HOC4 23Y C . 10.15 -2.10 -19.37
HCC5 23Y C . 13.43 -3.21 -18.64
HCD1 23Y C . 12.78 -5.56 -16.06
HCD2 23Y C . 13.10 -8.30 -17.30
HCE1 23Y C . 8.45 -6.57 -14.67
HOE2 23Y C . 7.17 -9.81 -15.30
HCE3 23Y C . 9.05 -10.48 -16.28
HCE4 23Y C . 11.29 -9.85 -17.03
HCE6 23Y C . 10.70 -5.90 -15.41
HCF5 23Y C . 20.95 -6.36 -20.43
HCF1 23Y C . 19.51 -7.48 -18.61
HCF2 23Y C . 18.22 -9.35 -20.69
HOF2 23Y C . 18.27 -10.10 -18.54
HCF3 23Y C . 21.23 -9.04 -20.13
HOF3 23Y C . 19.75 -10.36 -22.16
HCF4 23Y C . 19.70 -8.11 -22.65
HOF4 23Y C . 22.38 -7.85 -21.72
HF61 23Y C . 20.98 -5.32 -22.75
HF62 23Y C . 19.98 -4.45 -21.58
HCF6 23Y C . 18.18 -5.69 -22.42
#